data_2WV5
#
_entry.id   2WV5
#
_cell.length_a   64.033
_cell.length_b   75.105
_cell.length_c   86.303
_cell.angle_alpha   90.00
_cell.angle_beta   99.26
_cell.angle_gamma   90.00
#
_symmetry.space_group_name_H-M   'P 1 21 1'
#
loop_
_entity.id
_entity.type
_entity.pdbx_description
1 polymer 'PICORNAIN 3C'
2 polymer 'FOOT AND MOUTH DISEASE VIRUS (SEROTYPE A) VARIANT VP1 CAPSID PROTEIN'
3 water water
#
loop_
_entity_poly.entity_id
_entity_poly.type
_entity_poly.pdbx_seq_one_letter_code
_entity_poly.pdbx_strand_id
1 'polypeptide(L)'
;GSGAPPTDLQKMVMGNTKPVELILDGKTVAICCATGVFGTAYLVPRHLFAEKYDKIMLDGRAMTDSDYRVFEFEIKVKGQ
DMLSDAALMVLHRGNKVRDITKHFRDTARMKKGTPVVGVVNNADVGRLIFSGEALTYKDIVVLMDGDTMPGLFAYKAATR
AGYAGGAVLAKDGADTFIVGTHSAGGNGVGYCSCVSRSMLQKMKAHVDPEPHHE
;
A,B,C,D
2 'polypeptide(L)' (ACE)APAKELLNFD E,F,G,H
#
loop_
_chem_comp.id
_chem_comp.type
_chem_comp.name
_chem_comp.formula
ACE non-polymer 'ACETYL GROUP' 'C2 H4 O'
#
# COMPACT_ATOMS: atom_id res chain seq x y z
N ASP A 8 3.58 47.35 2.60
CA ASP A 8 2.20 47.16 2.05
C ASP A 8 2.02 45.72 1.60
N LEU A 9 2.86 45.28 0.68
CA LEU A 9 2.77 43.91 0.19
C LEU A 9 3.19 42.96 1.30
N GLN A 10 4.37 43.19 1.88
CA GLN A 10 4.85 42.35 2.96
C GLN A 10 3.82 42.25 4.09
N LYS A 11 3.12 43.36 4.34
CA LYS A 11 2.09 43.40 5.39
C LYS A 11 0.87 42.69 4.86
N MET A 12 0.76 42.67 3.54
CA MET A 12 -0.36 42.04 2.86
C MET A 12 -0.23 40.50 2.83
N VAL A 13 0.97 40.01 2.53
CA VAL A 13 1.22 38.58 2.45
C VAL A 13 1.26 37.96 3.85
N MET A 14 1.75 38.69 4.84
CA MET A 14 1.81 38.17 6.19
C MET A 14 0.39 37.94 6.64
N GLY A 15 -0.52 38.76 6.13
CA GLY A 15 -1.91 38.61 6.52
C GLY A 15 -2.52 37.36 5.94
N ASN A 16 -2.01 36.94 4.80
CA ASN A 16 -2.50 35.77 4.12
C ASN A 16 -1.81 34.48 4.59
N THR A 17 -0.74 34.63 5.36
CA THR A 17 0.01 33.46 5.81
C THR A 17 -0.56 32.85 7.08
N LYS A 18 -0.97 31.58 6.98
CA LYS A 18 -1.55 30.87 8.12
C LYS A 18 -0.69 29.68 8.48
N PRO A 19 -0.68 29.30 9.76
CA PRO A 19 0.08 28.17 10.29
C PRO A 19 -0.62 26.86 9.98
N VAL A 20 0.18 25.87 9.58
CA VAL A 20 -0.34 24.54 9.22
C VAL A 20 0.27 23.45 10.09
N GLU A 21 -0.58 22.58 10.60
CA GLU A 21 -0.12 21.46 11.43
C GLU A 21 -0.79 20.17 10.95
N LEU A 22 0.00 19.10 10.89
CA LEU A 22 -0.54 17.81 10.49
C LEU A 22 -0.79 17.05 11.79
N ILE A 23 -2.02 16.57 11.97
CA ILE A 23 -2.38 15.83 13.18
C ILE A 23 -2.51 14.36 12.86
N LEU A 24 -1.91 13.52 13.71
CA LEU A 24 -1.96 12.07 13.56
C LEU A 24 -2.11 11.43 14.93
N ASP A 25 -3.34 11.04 15.28
CA ASP A 25 -3.66 10.45 16.59
C ASP A 25 -3.54 11.48 17.70
N GLY A 26 -4.19 12.63 17.52
CA GLY A 26 -4.16 13.69 18.51
C GLY A 26 -2.82 14.36 18.72
N LYS A 27 -1.79 13.92 18.00
CA LYS A 27 -0.48 14.52 18.15
C LYS A 27 -0.07 15.30 16.88
N THR A 28 0.73 16.35 17.07
CA THR A 28 1.22 17.18 15.97
C THR A 28 2.43 16.49 15.35
N VAL A 29 2.27 15.97 14.13
CA VAL A 29 3.36 15.27 13.47
C VAL A 29 4.13 16.11 12.44
N ALA A 30 3.52 17.17 11.94
CA ALA A 30 4.17 18.04 10.96
C ALA A 30 3.78 19.52 11.11
N ILE A 31 4.74 20.40 10.87
CA ILE A 31 4.52 21.84 10.96
C ILE A 31 5.07 22.53 9.72
N CYS A 32 4.29 23.45 9.17
CA CYS A 32 4.73 24.23 7.99
C CYS A 32 3.86 25.47 7.88
N CYS A 33 3.92 26.14 6.74
CA CYS A 33 3.13 27.37 6.51
C CYS A 33 2.15 27.17 5.37
N ALA A 34 1.33 28.19 5.13
CA ALA A 34 0.35 28.22 4.06
C ALA A 34 0.18 29.67 3.65
N THR A 35 0.26 29.95 2.35
CA THR A 35 0.11 31.32 1.84
C THR A 35 -1.17 31.46 1.01
N GLY A 36 -2.15 32.15 1.56
CA GLY A 36 -3.38 32.33 0.83
C GLY A 36 -3.22 33.29 -0.34
N VAL A 37 -3.70 32.89 -1.51
CA VAL A 37 -3.60 33.72 -2.71
C VAL A 37 -4.96 34.34 -3.12
N PHE A 38 -6.04 33.59 -2.92
CA PHE A 38 -7.36 34.10 -3.26
C PHE A 38 -8.45 33.19 -2.72
N GLY A 39 -9.66 33.72 -2.63
CA GLY A 39 -10.78 32.95 -2.12
C GLY A 39 -10.44 32.17 -0.88
N THR A 40 -10.47 30.85 -1.01
CA THR A 40 -10.15 29.96 0.10
C THR A 40 -9.10 29.02 -0.46
N ALA A 41 -8.23 29.60 -1.30
CA ALA A 41 -7.17 28.86 -1.94
C ALA A 41 -5.85 29.28 -1.32
N TYR A 42 -5.04 28.28 -0.97
CA TYR A 42 -3.74 28.55 -0.37
C TYR A 42 -2.63 27.81 -1.08
N LEU A 43 -1.45 28.42 -1.11
CA LEU A 43 -0.27 27.79 -1.70
C LEU A 43 0.43 27.06 -0.54
N VAL A 44 0.70 25.76 -0.69
CA VAL A 44 1.35 25.00 0.38
C VAL A 44 2.36 24.02 -0.19
N PRO A 45 3.25 23.47 0.67
CA PRO A 45 4.25 22.53 0.17
C PRO A 45 3.57 21.24 -0.28
N ARG A 46 3.86 20.78 -1.51
CA ARG A 46 3.24 19.55 -1.97
C ARG A 46 3.75 18.35 -1.19
N HIS A 47 5.05 18.34 -0.86
CA HIS A 47 5.61 17.21 -0.12
C HIS A 47 4.94 17.05 1.24
N LEU A 48 4.05 17.99 1.57
CA LEU A 48 3.30 17.97 2.83
C LEU A 48 2.34 16.78 2.91
N PHE A 49 1.61 16.55 1.82
CA PHE A 49 0.65 15.46 1.76
C PHE A 49 1.30 14.11 1.61
N ALA A 50 2.64 14.10 1.54
CA ALA A 50 3.36 12.84 1.42
C ALA A 50 3.47 12.24 2.81
N GLU A 51 3.17 13.06 3.82
CA GLU A 51 3.25 12.62 5.20
C GLU A 51 1.96 11.92 5.63
N LYS A 52 2.04 11.12 6.68
CA LYS A 52 0.89 10.38 7.21
C LYS A 52 0.18 11.20 8.26
N TYR A 53 -1.04 11.62 7.94
CA TYR A 53 -1.84 12.43 8.84
C TYR A 53 -3.29 12.02 8.68
N ASP A 54 -4.14 12.47 9.58
CA ASP A 54 -5.55 12.14 9.47
C ASP A 54 -6.37 13.43 9.61
N LYS A 55 -5.67 14.52 9.91
CA LYS A 55 -6.30 15.83 10.05
C LYS A 55 -5.28 16.94 9.77
N ILE A 56 -5.67 17.91 8.95
CA ILE A 56 -4.81 19.02 8.62
C ILE A 56 -5.33 20.29 9.28
N MET A 57 -4.51 20.85 10.17
CA MET A 57 -4.85 22.07 10.90
C MET A 57 -4.41 23.29 10.13
N LEU A 58 -5.38 24.09 9.73
CA LEU A 58 -5.08 25.31 9.01
C LEU A 58 -5.60 26.49 9.82
N ASP A 59 -4.67 27.30 10.33
CA ASP A 59 -5.04 28.46 11.12
C ASP A 59 -5.94 28.11 12.31
N GLY A 60 -5.68 26.95 12.90
CA GLY A 60 -6.45 26.52 14.05
C GLY A 60 -7.71 25.74 13.70
N ARG A 61 -7.98 25.59 12.41
CA ARG A 61 -9.17 24.85 11.98
C ARG A 61 -8.80 23.45 11.50
N ALA A 62 -9.34 22.42 12.15
CA ALA A 62 -9.03 21.05 11.77
C ALA A 62 -9.87 20.64 10.57
N MET A 63 -9.22 20.05 9.58
CA MET A 63 -9.92 19.63 8.37
C MET A 63 -9.43 18.27 7.90
N THR A 64 -10.30 17.54 7.20
CA THR A 64 -9.98 16.24 6.67
C THR A 64 -9.96 16.36 5.16
N ASP A 65 -9.47 15.36 4.45
CA ASP A 65 -9.36 15.41 3.00
C ASP A 65 -10.63 15.76 2.21
N SER A 66 -11.79 15.46 2.77
CA SER A 66 -13.05 15.75 2.09
C SER A 66 -13.46 17.21 2.24
N ASP A 67 -12.58 18.02 2.83
CA ASP A 67 -12.85 19.44 3.06
C ASP A 67 -12.17 20.39 2.06
N TYR A 68 -11.30 19.84 1.21
CA TYR A 68 -10.59 20.65 0.24
C TYR A 68 -10.15 19.84 -0.96
N ARG A 69 -9.56 20.54 -1.93
CA ARG A 69 -9.02 19.94 -3.15
C ARG A 69 -7.59 20.44 -3.28
N VAL A 70 -6.70 19.61 -3.78
CA VAL A 70 -5.31 20.01 -3.96
C VAL A 70 -4.94 19.91 -5.42
N PHE A 71 -4.81 21.04 -6.10
CA PHE A 71 -4.41 21.02 -7.50
C PHE A 71 -2.90 21.12 -7.54
N GLU A 72 -2.29 20.43 -8.50
CA GLU A 72 -0.85 20.45 -8.61
C GLU A 72 -0.42 21.19 -9.86
N PHE A 73 0.74 21.84 -9.79
CA PHE A 73 1.27 22.58 -10.92
C PHE A 73 2.36 21.74 -11.55
N GLU A 74 2.33 21.63 -12.87
CA GLU A 74 3.30 20.84 -13.60
C GLU A 74 4.15 21.81 -14.43
N ILE A 75 5.46 21.74 -14.29
CA ILE A 75 6.34 22.64 -15.03
C ILE A 75 7.28 21.95 -16.03
N LYS A 76 7.41 22.56 -17.20
CA LYS A 76 8.24 22.03 -18.27
C LYS A 76 9.74 22.16 -17.97
N VAL A 77 10.43 21.04 -17.81
CA VAL A 77 11.86 21.05 -17.55
C VAL A 77 12.58 20.10 -18.51
N LYS A 78 13.15 20.66 -19.57
CA LYS A 78 13.86 19.88 -20.58
C LYS A 78 12.91 18.92 -21.27
N GLY A 79 11.91 19.47 -21.96
CA GLY A 79 10.93 18.64 -22.65
C GLY A 79 9.81 18.16 -21.74
N GLN A 80 10.09 17.07 -21.03
CA GLN A 80 9.16 16.44 -20.10
C GLN A 80 8.68 17.39 -19.00
N ASP A 81 7.44 17.20 -18.52
CA ASP A 81 6.88 18.04 -17.46
C ASP A 81 7.02 17.41 -16.08
N MET A 82 7.29 18.24 -15.07
CA MET A 82 7.43 17.77 -13.71
C MET A 82 6.49 18.45 -12.72
N LEU A 83 6.39 17.87 -11.53
CA LEU A 83 5.51 18.38 -10.49
C LEU A 83 6.20 19.34 -9.54
N SER A 84 5.73 20.60 -9.57
CA SER A 84 6.25 21.67 -8.73
C SER A 84 5.93 21.38 -7.28
N ASP A 85 6.80 21.80 -6.36
CA ASP A 85 6.52 21.55 -4.95
C ASP A 85 5.53 22.59 -4.44
N ALA A 86 5.04 23.41 -5.36
CA ALA A 86 4.07 24.43 -5.01
C ALA A 86 2.68 23.90 -5.37
N ALA A 87 1.94 23.45 -4.36
CA ALA A 87 0.59 22.92 -4.54
C ALA A 87 -0.45 23.93 -4.06
N LEU A 88 -1.63 23.93 -4.68
CA LEU A 88 -2.67 24.85 -4.28
C LEU A 88 -3.77 24.10 -3.53
N MET A 89 -4.01 24.50 -2.28
CA MET A 89 -5.03 23.87 -1.47
C MET A 89 -6.32 24.72 -1.43
N VAL A 90 -7.34 24.27 -2.15
CA VAL A 90 -8.61 25.00 -2.22
C VAL A 90 -9.69 24.43 -1.30
N LEU A 91 -9.98 25.13 -0.22
CA LEU A 91 -10.99 24.67 0.72
C LEU A 91 -12.39 24.83 0.13
N HIS A 92 -13.31 23.94 0.53
CA HIS A 92 -14.69 24.02 0.05
C HIS A 92 -15.42 25.18 0.76
N ARG A 93 -15.34 25.21 2.09
CA ARG A 93 -15.95 26.27 2.91
C ARG A 93 -14.81 26.96 3.66
N GLY A 94 -14.83 28.29 3.71
CA GLY A 94 -13.75 28.98 4.41
C GLY A 94 -13.82 30.49 4.34
N ASN A 95 -13.10 31.15 5.25
CA ASN A 95 -13.07 32.63 5.31
C ASN A 95 -12.15 33.21 4.23
N LYS A 96 -12.74 33.93 3.27
CA LYS A 96 -11.97 34.48 2.17
C LYS A 96 -10.69 35.19 2.60
N VAL A 97 -9.70 35.19 1.72
CA VAL A 97 -8.42 35.82 1.99
C VAL A 97 -8.26 36.94 0.97
N ARG A 98 -7.25 37.79 1.15
CA ARG A 98 -7.04 38.90 0.21
C ARG A 98 -6.42 38.40 -1.08
N ASP A 99 -7.15 38.56 -2.17
CA ASP A 99 -6.68 38.16 -3.49
C ASP A 99 -5.37 38.87 -3.73
N ILE A 100 -4.27 38.12 -3.83
CA ILE A 100 -2.97 38.74 -4.07
C ILE A 100 -2.28 38.22 -5.34
N THR A 101 -3.02 37.47 -6.16
CA THR A 101 -2.47 36.91 -7.40
C THR A 101 -1.83 37.93 -8.32
N LYS A 102 -2.41 39.14 -8.37
CA LYS A 102 -1.86 40.19 -9.23
C LYS A 102 -0.43 40.58 -8.83
N HIS A 103 0.10 39.94 -7.77
CA HIS A 103 1.44 40.25 -7.32
C HIS A 103 2.44 39.19 -7.68
N PHE A 104 2.01 38.22 -8.47
CA PHE A 104 2.93 37.18 -8.91
C PHE A 104 3.34 37.55 -10.33
N ARG A 105 4.30 36.83 -10.90
CA ARG A 105 4.72 37.13 -12.26
C ARG A 105 4.87 35.88 -13.11
N ASP A 106 5.14 36.09 -14.40
CA ASP A 106 5.25 34.97 -15.32
C ASP A 106 6.65 34.48 -15.71
N THR A 107 7.69 35.04 -15.11
CA THR A 107 9.06 34.59 -15.42
C THR A 107 10.05 34.95 -14.31
N ALA A 108 11.28 34.46 -14.41
CA ALA A 108 12.32 34.77 -13.44
C ALA A 108 12.63 36.26 -13.60
N ARG A 109 11.63 37.09 -13.35
CA ARG A 109 11.72 38.54 -13.48
C ARG A 109 12.72 39.16 -12.49
N MET A 110 13.53 38.32 -11.85
CA MET A 110 14.52 38.80 -10.89
C MET A 110 15.90 39.00 -11.48
N LYS A 111 16.91 39.05 -10.60
CA LYS A 111 18.29 39.24 -11.00
C LYS A 111 19.24 38.88 -9.85
N LYS A 112 20.16 37.96 -10.13
CA LYS A 112 21.14 37.51 -9.13
C LYS A 112 21.59 38.64 -8.21
N GLY A 113 21.16 38.59 -6.96
CA GLY A 113 21.58 39.61 -6.02
C GLY A 113 20.57 40.70 -5.72
N THR A 114 19.28 40.37 -5.76
CA THR A 114 18.28 41.37 -5.44
C THR A 114 17.64 41.00 -4.12
N PRO A 115 17.13 41.98 -3.39
CA PRO A 115 16.46 41.82 -2.08
C PRO A 115 15.34 40.80 -2.08
N VAL A 116 15.50 39.77 -1.26
CA VAL A 116 14.49 38.72 -1.13
C VAL A 116 14.01 38.63 0.32
N VAL A 117 12.71 38.46 0.49
CA VAL A 117 12.12 38.37 1.83
C VAL A 117 11.14 37.22 1.96
N GLY A 118 11.41 36.31 2.89
CA GLY A 118 10.53 35.17 3.09
C GLY A 118 9.60 35.44 4.27
N VAL A 119 8.29 35.27 4.07
CA VAL A 119 7.31 35.49 5.13
C VAL A 119 6.87 34.17 5.77
N VAL A 120 6.97 34.08 7.09
CA VAL A 120 6.62 32.87 7.78
C VAL A 120 5.58 33.05 8.85
N ASN A 121 4.81 32.00 9.11
CA ASN A 121 3.79 32.00 10.16
C ASN A 121 3.33 30.58 10.42
N ASN A 122 3.97 29.93 11.40
CA ASN A 122 3.65 28.57 11.77
C ASN A 122 3.78 28.36 13.27
N ALA A 123 3.31 27.21 13.74
CA ALA A 123 3.34 26.87 15.16
C ALA A 123 4.74 26.78 15.77
N ASP A 124 5.76 26.74 14.92
CA ASP A 124 7.12 26.64 15.44
C ASP A 124 7.72 27.96 15.93
N VAL A 125 7.81 28.95 15.05
CA VAL A 125 8.40 30.25 15.39
C VAL A 125 7.44 31.44 15.25
N GLY A 126 6.14 31.16 15.18
CA GLY A 126 5.17 32.24 15.06
C GLY A 126 5.31 33.02 13.76
N ARG A 127 5.11 34.33 13.82
CA ARG A 127 5.23 35.16 12.63
C ARG A 127 6.65 35.69 12.58
N LEU A 128 7.25 35.61 11.41
CA LEU A 128 8.62 36.02 11.25
C LEU A 128 8.94 36.36 9.80
N ILE A 129 10.02 37.12 9.61
CA ILE A 129 10.46 37.53 8.29
C ILE A 129 11.94 37.20 8.18
N PHE A 130 12.37 36.60 7.07
CA PHE A 130 13.79 36.31 6.87
C PHE A 130 14.22 36.97 5.55
N SER A 131 15.36 37.66 5.58
CA SER A 131 15.86 38.36 4.41
C SER A 131 17.23 37.88 3.92
N GLY A 132 17.30 37.63 2.62
CA GLY A 132 18.54 37.17 2.00
C GLY A 132 18.72 37.79 0.63
N GLU A 133 19.66 37.23 -0.13
CA GLU A 133 19.98 37.69 -1.48
C GLU A 133 19.52 36.69 -2.55
N ALA A 134 18.97 37.22 -3.63
CA ALA A 134 18.53 36.38 -4.75
C ALA A 134 19.76 35.75 -5.38
N LEU A 135 19.78 34.43 -5.53
CA LEU A 135 20.93 33.75 -6.15
C LEU A 135 20.73 33.51 -7.64
N THR A 136 20.18 32.34 -7.98
CA THR A 136 19.94 31.99 -9.38
C THR A 136 18.69 31.11 -9.47
N TYR A 137 18.18 30.95 -10.68
CA TYR A 137 17.02 30.10 -10.88
C TYR A 137 17.55 28.66 -11.04
N LYS A 138 16.74 27.68 -10.69
CA LYS A 138 17.15 26.29 -10.80
C LYS A 138 16.11 25.46 -11.56
N ASP A 139 16.56 24.72 -12.56
CA ASP A 139 15.65 23.89 -13.33
C ASP A 139 15.12 22.76 -12.46
N ILE A 140 16.06 21.97 -11.96
CA ILE A 140 15.78 20.80 -11.13
C ILE A 140 16.78 20.64 -10.01
N VAL A 141 16.32 20.78 -8.77
CA VAL A 141 17.20 20.63 -7.61
C VAL A 141 16.97 19.27 -6.94
N VAL A 142 18.06 18.58 -6.62
CA VAL A 142 18.02 17.26 -5.97
C VAL A 142 18.25 17.38 -4.47
N LEU A 143 17.24 16.96 -3.72
CA LEU A 143 17.24 17.03 -2.27
C LEU A 143 18.07 15.97 -1.55
N MET A 144 18.34 16.28 -0.29
CA MET A 144 19.12 15.44 0.60
C MET A 144 18.50 14.06 0.78
N ASP A 145 17.20 13.93 0.53
CA ASP A 145 16.57 12.62 0.70
C ASP A 145 16.51 11.90 -0.64
N GLY A 146 17.37 12.35 -1.57
CA GLY A 146 17.42 11.75 -2.88
C GLY A 146 16.30 12.19 -3.80
N ASP A 147 15.30 12.89 -3.26
CA ASP A 147 14.17 13.35 -4.08
C ASP A 147 14.56 14.56 -4.95
N THR A 148 13.63 15.06 -5.75
CA THR A 148 13.90 16.17 -6.67
C THR A 148 12.74 17.13 -6.89
N MET A 149 13.01 18.43 -7.01
CA MET A 149 11.96 19.42 -7.24
C MET A 149 12.21 20.36 -8.41
N PRO A 150 11.17 20.63 -9.21
CA PRO A 150 11.25 21.49 -10.38
C PRO A 150 10.94 22.97 -10.17
N GLY A 151 11.44 23.79 -11.10
CA GLY A 151 11.22 25.22 -11.07
C GLY A 151 11.46 25.92 -9.75
N LEU A 152 12.66 25.75 -9.21
CA LEU A 152 13.00 26.38 -7.95
C LEU A 152 13.87 27.60 -8.16
N PHE A 153 13.83 28.50 -7.19
CA PHE A 153 14.65 29.69 -7.24
C PHE A 153 15.57 29.64 -6.03
N ALA A 154 16.87 29.81 -6.25
CA ALA A 154 17.87 29.76 -5.18
C ALA A 154 18.14 31.13 -4.59
N TYR A 155 18.50 31.15 -3.31
CA TYR A 155 18.81 32.38 -2.60
C TYR A 155 19.56 32.18 -1.28
N LYS A 156 20.39 33.18 -0.96
CA LYS A 156 21.20 33.18 0.25
C LYS A 156 20.37 33.75 1.38
N ALA A 157 19.90 32.87 2.27
CA ALA A 157 19.06 33.27 3.40
C ALA A 157 19.04 32.19 4.50
N ALA A 158 18.94 32.62 5.76
CA ALA A 158 18.90 31.68 6.87
C ALA A 158 17.48 31.16 7.04
N THR A 159 17.26 29.95 6.54
CA THR A 159 15.95 29.31 6.61
C THR A 159 16.06 28.07 7.50
N ARG A 160 14.92 27.54 7.93
CA ARG A 160 14.87 26.36 8.79
C ARG A 160 13.64 25.51 8.42
N ALA A 161 13.59 24.28 8.92
CA ALA A 161 12.43 23.43 8.64
C ALA A 161 11.20 24.13 9.19
N GLY A 162 10.07 23.99 8.50
CA GLY A 162 8.84 24.64 8.94
C GLY A 162 8.54 25.85 8.08
N TYR A 163 9.58 26.44 7.49
CA TYR A 163 9.43 27.61 6.65
C TYR A 163 8.85 27.26 5.28
N ALA A 164 8.51 25.99 5.07
CA ALA A 164 7.93 25.56 3.82
C ALA A 164 6.51 26.14 3.67
N GLY A 165 6.22 26.72 2.50
CA GLY A 165 4.90 27.29 2.29
C GLY A 165 4.83 28.78 2.47
N GLY A 166 5.89 29.36 3.02
CA GLY A 166 5.91 30.80 3.21
C GLY A 166 6.24 31.47 1.90
N ALA A 167 5.61 32.61 1.63
CA ALA A 167 5.86 33.33 0.38
C ALA A 167 7.20 34.07 0.36
N VAL A 168 7.90 33.97 -0.76
CA VAL A 168 9.18 34.66 -0.93
C VAL A 168 8.95 35.78 -1.94
N LEU A 169 9.34 37.01 -1.59
CA LEU A 169 9.16 38.17 -2.48
C LEU A 169 10.49 38.86 -2.79
N ALA A 170 10.62 39.34 -4.03
CA ALA A 170 11.82 40.04 -4.49
C ALA A 170 11.55 41.49 -4.86
N LYS A 171 12.46 42.10 -5.63
CA LYS A 171 12.29 43.50 -6.05
C LYS A 171 12.58 43.80 -7.53
N ASP A 172 11.72 43.30 -8.43
CA ASP A 172 11.86 43.54 -9.87
C ASP A 172 11.70 45.05 -10.10
N GLY A 173 12.80 45.73 -10.38
CA GLY A 173 12.72 47.16 -10.56
C GLY A 173 12.32 47.69 -9.19
N ALA A 174 11.44 48.69 -9.14
CA ALA A 174 10.99 49.25 -7.88
C ALA A 174 9.74 48.51 -7.43
N ASP A 175 9.45 47.42 -8.14
CA ASP A 175 8.30 46.60 -7.85
C ASP A 175 8.62 45.39 -6.94
N THR A 176 7.72 45.12 -6.00
CA THR A 176 7.89 43.98 -5.12
C THR A 176 6.94 42.92 -5.64
N PHE A 177 7.44 41.74 -5.95
CA PHE A 177 6.55 40.70 -6.44
C PHE A 177 6.82 39.38 -5.74
N ILE A 178 5.76 38.60 -5.55
CA ILE A 178 5.86 37.31 -4.90
C ILE A 178 6.44 36.35 -5.89
N VAL A 179 7.53 35.70 -5.52
CA VAL A 179 8.20 34.77 -6.42
C VAL A 179 7.55 33.40 -6.42
N GLY A 180 7.23 32.91 -5.23
CA GLY A 180 6.62 31.61 -5.04
C GLY A 180 6.79 31.20 -3.59
N THR A 181 6.63 29.91 -3.28
CA THR A 181 6.73 29.42 -1.90
C THR A 181 8.01 28.65 -1.53
N HIS A 182 8.39 28.73 -0.25
CA HIS A 182 9.58 28.04 0.24
C HIS A 182 9.37 26.53 0.37
N SER A 183 10.33 25.76 -0.11
CA SER A 183 10.23 24.31 -0.04
C SER A 183 11.36 23.70 0.76
N ALA A 184 12.58 23.96 0.34
CA ALA A 184 13.75 23.41 0.99
C ALA A 184 14.90 24.38 1.17
N GLY A 185 15.68 24.16 2.20
CA GLY A 185 16.79 24.99 2.49
C GLY A 185 17.93 24.16 3.04
N GLY A 186 19.12 24.53 2.66
CA GLY A 186 20.22 23.82 3.17
C GLY A 186 21.48 24.63 3.15
N ASN A 187 22.18 24.62 4.27
CA ASN A 187 23.49 25.20 4.29
C ASN A 187 23.71 26.56 3.60
N GLY A 188 23.03 27.64 4.08
CA GLY A 188 23.18 29.01 3.57
C GLY A 188 22.29 29.37 2.37
N VAL A 189 21.68 28.35 1.76
CA VAL A 189 20.88 28.61 0.56
C VAL A 189 19.46 28.06 0.65
N GLY A 190 18.49 28.96 0.53
CA GLY A 190 17.10 28.55 0.58
C GLY A 190 16.57 28.40 -0.84
N TYR A 191 15.56 27.56 -1.01
CA TYR A 191 14.99 27.32 -2.33
C TYR A 191 13.48 27.42 -2.24
N CYS A 192 12.88 28.20 -3.13
CA CYS A 192 11.44 28.37 -3.14
C CYS A 192 10.89 27.82 -4.44
N SER A 193 9.70 27.22 -4.38
CA SER A 193 9.09 26.68 -5.57
C SER A 193 8.37 27.80 -6.30
N CYS A 194 8.89 28.14 -7.46
CA CYS A 194 8.34 29.21 -8.30
C CYS A 194 6.95 28.93 -8.84
N VAL A 195 6.05 29.90 -8.68
CA VAL A 195 4.68 29.80 -9.15
C VAL A 195 4.43 30.89 -10.17
N SER A 196 3.94 30.50 -11.34
CA SER A 196 3.65 31.44 -12.42
C SER A 196 2.37 32.21 -12.14
N ARG A 197 2.39 33.50 -12.46
CA ARG A 197 1.22 34.34 -12.26
C ARG A 197 0.07 33.80 -13.15
N SER A 198 0.36 33.48 -14.41
CA SER A 198 -0.65 32.93 -15.33
C SER A 198 -1.26 31.71 -14.69
N MET A 199 -0.38 30.84 -14.21
CA MET A 199 -0.75 29.59 -13.55
C MET A 199 -1.76 29.83 -12.45
N LEU A 200 -1.63 30.95 -11.74
CA LEU A 200 -2.56 31.26 -10.66
C LEU A 200 -3.91 31.72 -11.20
N GLN A 201 -3.87 32.61 -12.19
CA GLN A 201 -5.09 33.16 -12.79
C GLN A 201 -6.02 32.09 -13.35
N LYS A 202 -5.48 31.19 -14.17
CA LYS A 202 -6.29 30.12 -14.77
C LYS A 202 -6.85 29.24 -13.67
N MET A 203 -6.03 28.97 -12.67
CA MET A 203 -6.44 28.16 -11.55
C MET A 203 -7.59 28.84 -10.81
N LYS A 204 -7.58 30.17 -10.80
CA LYS A 204 -8.64 30.94 -10.12
C LYS A 204 -9.91 30.95 -10.99
N ALA A 205 -9.74 31.05 -12.31
CA ALA A 205 -10.89 31.05 -13.20
C ALA A 205 -11.44 29.62 -13.17
N HIS A 206 -10.53 28.67 -12.99
CA HIS A 206 -10.87 27.26 -12.93
C HIS A 206 -11.72 26.94 -11.71
N VAL A 207 -11.57 27.74 -10.65
CA VAL A 207 -12.31 27.58 -9.40
C VAL A 207 -13.09 28.86 -9.05
N ASP B 8 -13.28 -14.83 -21.34
CA ASP B 8 -13.16 -14.85 -19.87
C ASP B 8 -12.69 -13.50 -19.34
N LEU B 9 -11.49 -13.09 -19.74
CA LEU B 9 -10.95 -11.81 -19.28
C LEU B 9 -11.72 -10.65 -19.88
N GLN B 10 -11.90 -10.69 -21.20
CA GLN B 10 -12.63 -9.65 -21.90
C GLN B 10 -14.02 -9.41 -21.29
N LYS B 11 -14.76 -10.49 -21.02
CA LYS B 11 -16.09 -10.34 -20.44
C LYS B 11 -15.98 -9.88 -19.00
N MET B 12 -14.80 -10.07 -18.42
CA MET B 12 -14.54 -9.73 -17.03
C MET B 12 -14.16 -8.25 -16.88
N VAL B 13 -13.43 -7.72 -17.85
CA VAL B 13 -13.03 -6.32 -17.79
C VAL B 13 -14.21 -5.43 -18.21
N MET B 14 -15.01 -5.92 -19.16
CA MET B 14 -16.16 -5.16 -19.62
C MET B 14 -17.10 -5.00 -18.43
N GLY B 15 -17.08 -5.98 -17.54
CA GLY B 15 -17.93 -5.92 -16.36
C GLY B 15 -17.46 -4.84 -15.41
N ASN B 16 -16.15 -4.62 -15.38
CA ASN B 16 -15.57 -3.61 -14.52
C ASN B 16 -15.59 -2.21 -15.15
N THR B 17 -15.78 -2.13 -16.46
CA THR B 17 -15.78 -0.84 -17.14
C THR B 17 -17.07 -0.04 -17.00
N LYS B 18 -16.98 1.11 -16.34
CA LYS B 18 -18.10 2.00 -16.12
C LYS B 18 -17.99 3.32 -16.90
N PRO B 19 -19.15 3.88 -17.30
CA PRO B 19 -19.18 5.14 -18.04
C PRO B 19 -19.00 6.34 -17.12
N VAL B 20 -18.25 7.33 -17.58
CA VAL B 20 -18.00 8.52 -16.78
C VAL B 20 -18.44 9.79 -17.49
N GLU B 21 -19.08 10.69 -16.74
CA GLU B 21 -19.53 11.96 -17.30
C GLU B 21 -19.18 13.11 -16.34
N LEU B 22 -18.73 14.23 -16.89
CA LEU B 22 -18.40 15.39 -16.07
C LEU B 22 -19.58 16.38 -16.21
N ILE B 23 -20.19 16.72 -15.07
CA ILE B 23 -21.33 17.63 -15.10
C ILE B 23 -20.89 19.00 -14.61
N LEU B 24 -21.31 20.03 -15.33
CA LEU B 24 -20.99 21.42 -14.98
C LEU B 24 -22.23 22.28 -15.23
N ASP B 25 -22.99 22.52 -14.16
CA ASP B 25 -24.22 23.30 -14.22
C ASP B 25 -25.30 22.50 -14.96
N GLY B 26 -25.55 21.29 -14.46
CA GLY B 26 -26.55 20.42 -15.06
C GLY B 26 -26.30 20.00 -16.50
N LYS B 27 -25.17 20.37 -17.07
CA LYS B 27 -24.84 20.00 -18.45
C LYS B 27 -23.63 19.08 -18.54
N THR B 28 -23.71 18.04 -19.36
CA THR B 28 -22.61 17.11 -19.54
C THR B 28 -21.51 17.86 -20.29
N VAL B 29 -20.35 18.03 -19.66
CA VAL B 29 -19.26 18.74 -20.32
C VAL B 29 -18.11 17.84 -20.78
N ALA B 30 -18.09 16.59 -20.32
CA ALA B 30 -17.03 15.67 -20.73
C ALA B 30 -17.46 14.21 -20.57
N ILE B 31 -16.95 13.34 -21.45
CA ILE B 31 -17.25 11.90 -21.44
C ILE B 31 -15.99 11.06 -21.59
N CYS B 32 -15.88 9.99 -20.81
CA CYS B 32 -14.73 9.10 -20.92
C CYS B 32 -15.11 7.77 -20.28
N CYS B 33 -14.13 6.94 -19.96
CA CYS B 33 -14.42 5.66 -19.34
C CYS B 33 -13.69 5.49 -18.02
N ALA B 34 -14.08 4.47 -17.25
CA ALA B 34 -13.44 4.15 -15.99
C ALA B 34 -13.30 2.63 -15.86
N THR B 35 -12.10 2.16 -15.57
CA THR B 35 -11.86 0.73 -15.42
C THR B 35 -11.69 0.33 -13.95
N GLY B 36 -12.62 -0.46 -13.42
CA GLY B 36 -12.51 -0.91 -12.03
C GLY B 36 -11.50 -2.03 -11.82
N VAL B 37 -10.55 -1.83 -10.92
CA VAL B 37 -9.53 -2.85 -10.68
C VAL B 37 -9.74 -3.67 -9.38
N PHE B 38 -10.23 -3.01 -8.33
CA PHE B 38 -10.50 -3.68 -7.05
C PHE B 38 -11.30 -2.80 -6.09
N GLY B 39 -12.03 -3.43 -5.16
CA GLY B 39 -12.84 -2.70 -4.19
C GLY B 39 -13.70 -1.62 -4.85
N THR B 40 -13.41 -0.35 -4.53
CA THR B 40 -14.13 0.77 -5.16
C THR B 40 -13.10 1.72 -5.77
N ALA B 41 -12.06 1.13 -6.36
CA ALA B 41 -10.97 1.85 -7.00
C ALA B 41 -11.04 1.69 -8.50
N TYR B 42 -11.03 2.80 -9.21
CA TYR B 42 -11.07 2.76 -10.66
C TYR B 42 -9.86 3.43 -11.33
N LEU B 43 -9.49 2.94 -12.50
CA LEU B 43 -8.40 3.52 -13.26
C LEU B 43 -9.12 4.48 -14.20
N VAL B 44 -8.73 5.75 -14.14
CA VAL B 44 -9.35 6.77 -14.99
C VAL B 44 -8.30 7.69 -15.60
N PRO B 45 -8.67 8.39 -16.69
CA PRO B 45 -7.70 9.29 -17.30
C PRO B 45 -7.35 10.41 -16.34
N ARG B 46 -6.06 10.65 -16.12
CA ARG B 46 -5.71 11.73 -15.21
C ARG B 46 -6.10 13.08 -15.82
N HIS B 47 -5.81 13.28 -17.10
CA HIS B 47 -6.16 14.56 -17.71
C HIS B 47 -7.64 14.90 -17.57
N LEU B 48 -8.41 13.99 -16.97
CA LEU B 48 -9.85 14.20 -16.78
C LEU B 48 -10.09 15.30 -15.75
N PHE B 49 -9.32 15.22 -14.66
CA PHE B 49 -9.45 16.18 -13.58
C PHE B 49 -8.91 17.55 -13.94
N ALA B 50 -8.41 17.67 -15.16
CA ALA B 50 -7.88 18.93 -15.62
C ALA B 50 -9.07 19.76 -16.12
N GLU B 51 -10.19 19.09 -16.32
CA GLU B 51 -11.40 19.76 -16.80
C GLU B 51 -12.14 20.43 -15.66
N LYS B 52 -12.93 21.47 -15.94
CA LYS B 52 -13.68 22.14 -14.89
C LYS B 52 -15.04 21.50 -14.80
N TYR B 53 -15.33 20.93 -13.65
CA TYR B 53 -16.60 20.25 -13.43
C TYR B 53 -17.00 20.51 -11.98
N ASP B 54 -18.21 20.09 -11.61
CA ASP B 54 -18.66 20.25 -10.24
C ASP B 54 -19.37 18.99 -9.76
N LYS B 55 -19.44 18.00 -10.63
CA LYS B 55 -20.05 16.71 -10.31
C LYS B 55 -19.51 15.67 -11.31
N ILE B 56 -19.06 14.53 -10.79
CA ILE B 56 -18.52 13.45 -11.63
C ILE B 56 -19.46 12.25 -11.63
N MET B 57 -19.98 11.91 -12.81
CA MET B 57 -20.90 10.78 -12.99
C MET B 57 -20.16 9.49 -13.28
N LEU B 58 -20.29 8.52 -12.39
CA LEU B 58 -19.64 7.24 -12.59
C LEU B 58 -20.73 6.20 -12.57
N ASP B 59 -20.97 5.60 -13.74
CA ASP B 59 -21.99 4.59 -13.88
C ASP B 59 -23.38 5.04 -13.44
N GLY B 60 -23.69 6.29 -13.69
CA GLY B 60 -24.99 6.80 -13.31
C GLY B 60 -25.09 7.37 -11.92
N ARG B 61 -23.99 7.32 -11.17
CA ARG B 61 -23.99 7.86 -9.81
C ARG B 61 -23.31 9.21 -9.79
N ALA B 62 -23.95 10.21 -9.19
CA ALA B 62 -23.33 11.52 -9.14
C ALA B 62 -22.48 11.65 -7.89
N MET B 63 -21.28 12.22 -8.03
CA MET B 63 -20.37 12.40 -6.90
C MET B 63 -19.63 13.72 -6.94
N THR B 64 -19.17 14.17 -5.78
CA THR B 64 -18.42 15.40 -5.68
C THR B 64 -17.05 15.06 -5.11
N ASP B 65 -16.08 15.93 -5.31
CA ASP B 65 -14.72 15.69 -4.83
C ASP B 65 -14.58 15.06 -3.45
N SER B 66 -15.48 15.37 -2.53
CA SER B 66 -15.36 14.80 -1.18
C SER B 66 -15.83 13.34 -1.06
N ASP B 67 -16.18 12.75 -2.19
CA ASP B 67 -16.65 11.36 -2.21
C ASP B 67 -15.60 10.33 -2.59
N TYR B 68 -14.43 10.79 -2.99
CA TYR B 68 -13.36 9.88 -3.40
C TYR B 68 -12.00 10.53 -3.26
N ARG B 69 -10.97 9.75 -3.55
CA ARG B 69 -9.58 10.22 -3.51
C ARG B 69 -8.99 9.88 -4.87
N VAL B 70 -7.93 10.59 -5.27
CA VAL B 70 -7.31 10.31 -6.55
C VAL B 70 -5.81 10.19 -6.41
N PHE B 71 -5.30 8.97 -6.45
CA PHE B 71 -3.87 8.76 -6.34
C PHE B 71 -3.24 8.80 -7.73
N GLU B 72 -2.02 9.32 -7.81
CA GLU B 72 -1.35 9.38 -9.09
C GLU B 72 -0.13 8.46 -9.09
N PHE B 73 0.20 7.94 -10.26
CA PHE B 73 1.35 7.08 -10.42
C PHE B 73 2.47 7.90 -11.02
N GLU B 74 3.67 7.72 -10.47
CA GLU B 74 4.84 8.44 -10.94
C GLU B 74 5.81 7.42 -11.53
N ILE B 75 6.13 7.60 -12.80
CA ILE B 75 7.02 6.69 -13.49
C ILE B 75 8.35 7.32 -13.87
N LYS B 76 9.43 6.59 -13.61
CA LYS B 76 10.79 7.05 -13.91
C LYS B 76 11.05 7.06 -15.41
N VAL B 77 11.40 8.23 -15.93
CA VAL B 77 11.70 8.37 -17.36
C VAL B 77 12.94 9.24 -17.54
N LYS B 78 14.05 8.58 -17.89
CA LYS B 78 15.33 9.27 -18.08
C LYS B 78 15.76 9.96 -16.78
N GLY B 79 15.80 9.19 -15.69
CA GLY B 79 16.18 9.73 -14.40
C GLY B 79 15.01 10.29 -13.61
N GLN B 80 14.56 11.48 -14.01
CA GLN B 80 13.45 12.17 -13.35
C GLN B 80 12.11 11.40 -13.44
N ASP B 81 11.26 11.59 -12.45
CA ASP B 81 9.95 10.92 -12.40
C ASP B 81 8.85 11.79 -12.98
N MET B 82 7.94 11.16 -13.71
CA MET B 82 6.82 11.88 -14.31
C MET B 82 5.48 11.28 -13.91
N LEU B 83 4.43 12.08 -14.10
CA LEU B 83 3.09 11.66 -13.75
C LEU B 83 2.37 10.93 -14.87
N SER B 84 2.04 9.66 -14.63
CA SER B 84 1.35 8.82 -15.59
C SER B 84 -0.07 9.30 -15.88
N ASP B 85 -0.57 9.07 -17.08
CA ASP B 85 -1.92 9.53 -17.36
C ASP B 85 -2.94 8.54 -16.79
N ALA B 86 -2.45 7.51 -16.10
CA ALA B 86 -3.33 6.56 -15.47
C ALA B 86 -3.43 6.94 -14.00
N ALA B 87 -4.58 7.46 -13.60
CA ALA B 87 -4.81 7.84 -12.21
C ALA B 87 -5.70 6.76 -11.60
N LEU B 88 -5.77 6.72 -10.28
CA LEU B 88 -6.60 5.74 -9.60
C LEU B 88 -7.63 6.46 -8.73
N MET B 89 -8.90 6.27 -9.06
CA MET B 89 -9.97 6.92 -8.33
C MET B 89 -10.58 5.98 -7.32
N VAL B 90 -10.38 6.28 -6.04
CA VAL B 90 -10.88 5.45 -4.98
C VAL B 90 -12.04 6.09 -4.23
N LEU B 91 -13.22 5.50 -4.40
CA LEU B 91 -14.45 5.98 -3.75
C LEU B 91 -14.48 5.58 -2.29
N HIS B 92 -15.02 6.45 -1.44
CA HIS B 92 -15.13 6.14 -0.01
C HIS B 92 -16.21 5.08 0.19
N ARG B 93 -17.37 5.27 -0.42
CA ARG B 93 -18.47 4.31 -0.31
C ARG B 93 -18.86 3.86 -1.71
N GLY B 94 -19.14 2.57 -1.88
CA GLY B 94 -19.54 2.08 -3.18
C GLY B 94 -19.68 0.57 -3.30
N ASN B 95 -20.29 0.12 -4.40
CA ASN B 95 -20.46 -1.32 -4.65
C ASN B 95 -19.17 -1.89 -5.20
N LYS B 96 -18.60 -2.86 -4.50
CA LYS B 96 -17.34 -3.47 -4.93
C LYS B 96 -17.35 -4.00 -6.36
N VAL B 97 -16.18 -4.02 -6.98
CA VAL B 97 -16.01 -4.51 -8.34
C VAL B 97 -15.17 -5.79 -8.26
N ARG B 98 -15.05 -6.52 -9.37
CA ARG B 98 -14.26 -7.77 -9.37
C ARG B 98 -12.77 -7.49 -9.40
N ASP B 99 -12.09 -7.89 -8.34
CA ASP B 99 -10.65 -7.71 -8.22
C ASP B 99 -9.98 -8.32 -9.44
N ILE B 100 -9.49 -7.49 -10.34
CA ILE B 100 -8.82 -7.99 -11.53
C ILE B 100 -7.33 -7.61 -11.56
N THR B 101 -6.78 -7.19 -10.43
CA THR B 101 -5.37 -6.80 -10.36
C THR B 101 -4.38 -7.88 -10.75
N LYS B 102 -4.72 -9.14 -10.49
CA LYS B 102 -3.80 -10.21 -10.83
C LYS B 102 -3.60 -10.35 -12.33
N HIS B 103 -4.34 -9.57 -13.11
CA HIS B 103 -4.22 -9.64 -14.57
C HIS B 103 -3.33 -8.56 -15.17
N PHE B 104 -2.69 -7.79 -14.31
CA PHE B 104 -1.78 -6.74 -14.78
C PHE B 104 -0.39 -7.34 -14.65
N ARG B 105 0.61 -6.67 -15.21
CA ARG B 105 1.96 -7.20 -15.15
C ARG B 105 2.98 -6.14 -14.78
N ASP B 106 4.22 -6.56 -14.57
CA ASP B 106 5.31 -5.67 -14.20
C ASP B 106 6.34 -5.64 -15.32
N THR B 107 6.72 -6.84 -15.75
CA THR B 107 7.69 -7.06 -16.80
C THR B 107 6.98 -7.79 -17.93
N ALA B 108 7.75 -8.49 -18.77
CA ALA B 108 7.16 -9.21 -19.89
C ALA B 108 6.21 -8.29 -20.62
N ARG B 109 6.74 -7.59 -21.63
CA ARG B 109 5.95 -6.66 -22.40
C ARG B 109 5.93 -6.97 -23.91
N MET B 110 4.72 -7.17 -24.42
CA MET B 110 4.40 -7.50 -25.82
C MET B 110 5.52 -7.72 -26.86
N LYS B 111 5.15 -8.43 -27.92
CA LYS B 111 6.02 -8.74 -29.06
C LYS B 111 5.32 -7.99 -30.20
N LYS B 112 5.96 -6.99 -30.78
CA LYS B 112 5.33 -6.20 -31.84
C LYS B 112 4.31 -6.92 -32.73
N GLY B 113 3.29 -6.19 -33.18
CA GLY B 113 2.27 -6.75 -34.04
C GLY B 113 1.23 -7.64 -33.39
N THR B 114 1.50 -8.13 -32.19
CA THR B 114 0.58 -9.02 -31.48
C THR B 114 -0.84 -8.47 -31.31
N PRO B 115 -1.78 -9.33 -30.89
CA PRO B 115 -3.21 -9.03 -30.66
C PRO B 115 -3.49 -8.08 -29.50
N VAL B 116 -4.35 -7.07 -29.73
CA VAL B 116 -4.70 -6.13 -28.67
C VAL B 116 -6.18 -5.74 -28.70
N VAL B 117 -6.86 -6.01 -27.58
CA VAL B 117 -8.29 -5.72 -27.44
C VAL B 117 -8.60 -4.61 -26.45
N GLY B 118 -9.25 -3.56 -26.94
CA GLY B 118 -9.61 -2.46 -26.07
C GLY B 118 -11.05 -2.58 -25.62
N VAL B 119 -11.31 -2.30 -24.34
CA VAL B 119 -12.66 -2.37 -23.80
C VAL B 119 -13.13 -0.98 -23.39
N VAL B 120 -14.30 -0.59 -23.92
CA VAL B 120 -14.88 0.72 -23.65
C VAL B 120 -16.37 0.66 -23.32
N ASN B 121 -16.79 1.58 -22.45
CA ASN B 121 -18.19 1.73 -22.07
C ASN B 121 -18.33 3.22 -21.74
N ASN B 122 -19.07 3.95 -22.56
CA ASN B 122 -19.24 5.37 -22.32
C ASN B 122 -20.49 5.90 -22.98
N ALA B 123 -21.05 6.92 -22.34
CA ALA B 123 -22.27 7.56 -22.81
C ALA B 123 -22.30 7.82 -24.32
N ASP B 124 -21.12 7.97 -24.92
CA ASP B 124 -21.05 8.25 -26.35
C ASP B 124 -21.38 7.07 -27.28
N VAL B 125 -20.60 5.99 -27.19
CA VAL B 125 -20.81 4.84 -28.05
C VAL B 125 -21.33 3.58 -27.38
N GLY B 126 -21.49 3.61 -26.06
CA GLY B 126 -21.99 2.44 -25.35
C GLY B 126 -20.90 1.44 -25.07
N ARG B 127 -21.22 0.15 -25.16
CA ARG B 127 -20.23 -0.90 -24.94
C ARG B 127 -19.56 -1.21 -26.25
N LEU B 128 -18.29 -0.84 -26.36
CA LEU B 128 -17.54 -1.07 -27.59
C LEU B 128 -16.20 -1.79 -27.35
N ILE B 129 -15.81 -2.64 -28.30
CA ILE B 129 -14.55 -3.38 -28.23
C ILE B 129 -13.79 -3.07 -29.51
N PHE B 130 -12.60 -2.50 -29.39
CA PHE B 130 -11.84 -2.22 -30.59
C PHE B 130 -10.61 -3.12 -30.61
N SER B 131 -10.26 -3.60 -31.79
CA SER B 131 -9.12 -4.48 -31.94
C SER B 131 -7.96 -3.65 -32.45
N GLY B 132 -6.75 -4.08 -32.14
CA GLY B 132 -5.59 -3.34 -32.59
C GLY B 132 -4.34 -4.19 -32.51
N GLU B 133 -3.39 -3.88 -33.39
CA GLU B 133 -2.12 -4.58 -33.42
C GLU B 133 -1.17 -3.89 -32.45
N ALA B 134 -0.38 -4.68 -31.72
CA ALA B 134 0.57 -4.12 -30.78
C ALA B 134 1.70 -3.47 -31.59
N LEU B 135 2.46 -2.60 -30.97
CA LEU B 135 3.56 -1.94 -31.64
C LEU B 135 4.78 -1.87 -30.73
N THR B 136 4.90 -0.74 -30.04
CA THR B 136 6.04 -0.53 -29.17
C THR B 136 5.72 0.39 -28.02
N TYR B 137 6.42 0.17 -26.92
CA TYR B 137 6.28 0.97 -25.71
C TYR B 137 6.87 2.36 -26.04
N LYS B 138 6.61 3.34 -25.19
CA LYS B 138 7.15 4.68 -25.38
C LYS B 138 7.54 5.28 -24.04
N ASP B 139 8.66 6.00 -24.03
CA ASP B 139 9.15 6.65 -22.82
C ASP B 139 8.27 7.85 -22.55
N ILE B 140 8.06 8.65 -23.58
CA ILE B 140 7.22 9.83 -23.46
C ILE B 140 6.57 10.11 -24.81
N VAL B 141 5.33 10.57 -24.74
CA VAL B 141 4.59 10.90 -25.95
C VAL B 141 4.18 12.37 -25.82
N VAL B 142 4.37 13.12 -26.89
CA VAL B 142 4.03 14.53 -26.87
C VAL B 142 2.70 14.66 -27.57
N LEU B 143 1.74 15.25 -26.88
CA LEU B 143 0.40 15.41 -27.43
C LEU B 143 0.27 16.61 -28.34
N MET B 144 -0.81 16.61 -29.11
CA MET B 144 -1.14 17.67 -30.04
C MET B 144 -1.31 18.98 -29.27
N ASP B 145 -1.83 18.86 -28.05
CA ASP B 145 -2.03 20.01 -27.18
C ASP B 145 -0.70 20.26 -26.49
N GLY B 146 0.37 19.79 -27.12
CA GLY B 146 1.71 19.98 -26.60
C GLY B 146 1.93 19.48 -25.19
N ASP B 147 1.13 18.51 -24.76
CA ASP B 147 1.27 17.98 -23.42
C ASP B 147 2.18 16.75 -23.41
N THR B 148 2.67 16.38 -22.22
CA THR B 148 3.54 15.22 -22.08
C THR B 148 2.93 14.13 -21.21
N MET B 149 2.94 12.89 -21.72
CA MET B 149 2.41 11.70 -21.00
C MET B 149 3.49 10.64 -20.95
N PRO B 150 3.89 10.22 -19.75
CA PRO B 150 4.93 9.20 -19.61
C PRO B 150 4.43 7.76 -19.59
N GLY B 151 5.31 6.85 -19.99
CA GLY B 151 5.03 5.42 -20.02
C GLY B 151 3.82 4.91 -20.77
N LEU B 152 3.83 5.00 -22.09
CA LEU B 152 2.69 4.55 -22.87
C LEU B 152 3.02 3.40 -23.82
N PHE B 153 2.00 2.62 -24.15
CA PHE B 153 2.13 1.50 -25.06
C PHE B 153 1.28 1.83 -26.28
N ALA B 154 1.91 1.95 -27.43
CA ALA B 154 1.22 2.28 -28.66
C ALA B 154 0.67 1.03 -29.34
N TYR B 155 -0.27 1.24 -30.25
CA TYR B 155 -0.91 0.15 -30.98
C TYR B 155 -1.74 0.73 -32.12
N LYS B 156 -1.77 0.02 -33.25
CA LYS B 156 -2.53 0.45 -34.41
C LYS B 156 -3.99 0.23 -34.10
N ALA B 157 -4.77 1.29 -34.17
CA ALA B 157 -6.18 1.12 -33.86
C ALA B 157 -7.04 2.35 -34.13
N ALA B 158 -8.30 2.08 -34.39
CA ALA B 158 -9.28 3.12 -34.63
C ALA B 158 -9.88 3.47 -33.27
N THR B 159 -9.57 4.65 -32.77
CA THR B 159 -10.10 5.08 -31.48
C THR B 159 -10.60 6.52 -31.56
N ARG B 160 -11.63 6.83 -30.78
CA ARG B 160 -12.20 8.17 -30.79
C ARG B 160 -12.09 8.80 -29.43
N ALA B 161 -12.53 10.04 -29.30
CA ALA B 161 -12.52 10.70 -28.02
C ALA B 161 -13.64 10.05 -27.25
N GLY B 162 -13.41 9.83 -25.95
CA GLY B 162 -14.40 9.20 -25.11
C GLY B 162 -13.87 7.85 -24.70
N TYR B 163 -12.94 7.32 -25.48
CA TYR B 163 -12.35 6.03 -25.20
C TYR B 163 -11.43 6.05 -23.99
N ALA B 164 -10.95 7.23 -23.62
CA ALA B 164 -10.06 7.36 -22.48
C ALA B 164 -10.63 6.64 -21.26
N GLY B 165 -9.76 5.96 -20.52
CA GLY B 165 -10.21 5.25 -19.35
C GLY B 165 -10.53 3.80 -19.67
N GLY B 166 -10.53 3.47 -20.96
CA GLY B 166 -10.82 2.12 -21.36
C GLY B 166 -9.59 1.27 -21.14
N ALA B 167 -9.78 -0.02 -20.90
CA ALA B 167 -8.65 -0.92 -20.69
C ALA B 167 -8.19 -1.53 -22.01
N VAL B 168 -6.88 -1.68 -22.17
CA VAL B 168 -6.36 -2.30 -23.38
C VAL B 168 -5.85 -3.70 -23.01
N LEU B 169 -6.28 -4.70 -23.77
CA LEU B 169 -5.87 -6.09 -23.55
C LEU B 169 -4.78 -6.51 -24.54
N ALA B 170 -3.75 -7.20 -24.05
CA ALA B 170 -2.65 -7.63 -24.92
C ALA B 170 -2.22 -9.06 -24.63
N LYS B 171 -1.81 -9.76 -25.69
CA LYS B 171 -1.36 -11.15 -25.57
C LYS B 171 0.07 -11.25 -25.00
N ASP B 172 0.18 -11.87 -23.83
CA ASP B 172 1.48 -12.09 -23.17
C ASP B 172 1.65 -13.60 -23.24
N GLY B 173 1.87 -14.07 -24.47
CA GLY B 173 1.97 -15.49 -24.70
C GLY B 173 0.50 -15.88 -24.73
N ALA B 174 0.18 -17.15 -24.51
CA ALA B 174 -1.20 -17.58 -24.51
C ALA B 174 -1.93 -16.69 -23.50
N ASP B 175 -1.31 -16.53 -22.34
CA ASP B 175 -1.84 -15.73 -21.25
C ASP B 175 -2.00 -14.25 -21.61
N THR B 176 -3.25 -13.80 -21.75
CA THR B 176 -3.57 -12.42 -22.08
C THR B 176 -3.65 -11.58 -20.80
N PHE B 177 -3.59 -10.25 -20.93
CA PHE B 177 -3.63 -9.39 -19.75
C PHE B 177 -4.02 -7.94 -20.06
N ILE B 178 -3.96 -7.09 -19.03
CA ILE B 178 -4.30 -5.66 -19.13
C ILE B 178 -3.05 -4.78 -19.08
N VAL B 179 -2.69 -4.19 -20.21
CA VAL B 179 -1.51 -3.33 -20.32
C VAL B 179 -1.68 -2.03 -19.56
N GLY B 180 -2.92 -1.57 -19.49
CA GLY B 180 -3.23 -0.32 -18.83
C GLY B 180 -4.53 0.22 -19.37
N THR B 181 -4.69 1.54 -19.32
CA THR B 181 -5.91 2.18 -19.79
C THR B 181 -5.65 3.30 -20.78
N HIS B 182 -6.41 3.28 -21.88
CA HIS B 182 -6.32 4.25 -22.97
C HIS B 182 -6.30 5.72 -22.52
N SER B 183 -5.37 6.49 -23.08
CA SER B 183 -5.24 7.91 -22.75
C SER B 183 -5.35 8.82 -23.96
N ALA B 184 -4.59 8.53 -25.00
CA ALA B 184 -4.58 9.36 -26.20
C ALA B 184 -4.53 8.58 -27.48
N GLY B 185 -4.96 9.24 -28.56
CA GLY B 185 -4.97 8.61 -29.86
C GLY B 185 -4.91 9.65 -30.95
N GLY B 186 -4.62 9.22 -32.18
CA GLY B 186 -4.56 10.13 -33.30
C GLY B 186 -3.91 9.52 -34.53
N ASN B 187 -4.42 9.90 -35.70
CA ASN B 187 -3.89 9.43 -36.97
C ASN B 187 -3.77 7.90 -37.11
N GLY B 188 -4.82 7.18 -36.71
CA GLY B 188 -4.80 5.74 -36.84
C GLY B 188 -4.04 4.96 -35.79
N VAL B 189 -3.40 5.64 -34.85
CA VAL B 189 -2.65 4.94 -33.81
C VAL B 189 -3.23 5.28 -32.45
N GLY B 190 -3.00 4.40 -31.47
CA GLY B 190 -3.51 4.61 -30.12
C GLY B 190 -2.44 4.46 -29.05
N TYR B 191 -2.68 5.05 -27.88
CA TYR B 191 -1.72 4.97 -26.78
C TYR B 191 -2.42 4.86 -25.44
N CYS B 192 -1.87 4.04 -24.54
CA CYS B 192 -2.46 3.87 -23.23
C CYS B 192 -1.39 3.92 -22.16
N SER B 193 -1.77 4.43 -21.00
CA SER B 193 -0.86 4.52 -19.88
C SER B 193 -0.66 3.10 -19.36
N CYS B 194 0.60 2.70 -19.24
CA CYS B 194 0.91 1.38 -18.73
C CYS B 194 0.81 1.41 -17.21
N VAL B 195 0.20 0.37 -16.65
CA VAL B 195 0.03 0.26 -15.20
C VAL B 195 0.65 -1.04 -14.72
N SER B 196 1.58 -0.92 -13.77
CA SER B 196 2.26 -2.08 -13.19
C SER B 196 1.33 -2.85 -12.26
N ARG B 197 1.61 -4.15 -12.10
CA ARG B 197 0.81 -4.99 -11.21
C ARG B 197 1.19 -4.55 -9.81
N SER B 198 2.50 -4.39 -9.58
CA SER B 198 2.99 -3.93 -8.29
C SER B 198 2.29 -2.63 -8.04
N MET B 199 2.29 -1.78 -9.07
CA MET B 199 1.67 -0.47 -9.00
C MET B 199 0.31 -0.57 -8.30
N LEU B 200 -0.44 -1.62 -8.62
CA LEU B 200 -1.75 -1.82 -8.01
C LEU B 200 -1.67 -2.58 -6.67
N GLN B 201 -0.72 -3.50 -6.54
CA GLN B 201 -0.56 -4.27 -5.29
C GLN B 201 -0.34 -3.30 -4.12
N LYS B 202 0.50 -2.30 -4.34
CA LYS B 202 0.83 -1.29 -3.33
C LYS B 202 -0.36 -0.37 -3.01
N MET B 203 -0.96 0.18 -4.04
CA MET B 203 -2.08 1.08 -3.88
C MET B 203 -3.25 0.36 -3.23
N LYS B 204 -3.29 -0.95 -3.43
CA LYS B 204 -4.37 -1.78 -2.90
C LYS B 204 -4.25 -2.11 -1.41
N ALA B 205 -3.02 -2.26 -0.93
CA ALA B 205 -2.79 -2.58 0.48
C ALA B 205 -2.64 -1.29 1.27
N HIS B 206 -2.87 -0.17 0.58
CA HIS B 206 -2.78 1.15 1.18
C HIS B 206 -4.22 1.61 1.44
N VAL B 207 -5.17 0.75 1.05
CA VAL B 207 -6.60 1.02 1.20
C VAL B 207 -7.41 -0.20 1.66
N ASP C 8 15.15 -0.91 1.75
CA ASP C 8 13.80 -1.16 1.18
C ASP C 8 13.66 -2.62 0.77
N LEU C 9 14.50 -3.06 -0.17
CA LEU C 9 14.43 -4.44 -0.63
C LEU C 9 14.87 -5.39 0.46
N GLN C 10 16.00 -5.11 1.08
CA GLN C 10 16.50 -5.96 2.15
C GLN C 10 15.45 -6.06 3.27
N LYS C 11 14.80 -4.94 3.59
CA LYS C 11 13.78 -4.93 4.64
C LYS C 11 12.57 -5.67 4.12
N MET C 12 12.42 -5.67 2.81
CA MET C 12 11.30 -6.32 2.15
C MET C 12 11.44 -7.84 2.05
N VAL C 13 12.67 -8.31 1.84
CA VAL C 13 12.93 -9.75 1.74
C VAL C 13 12.95 -10.38 3.13
N MET C 14 13.51 -9.66 4.10
CA MET C 14 13.56 -10.19 5.47
C MET C 14 12.12 -10.39 5.92
N GLY C 15 11.21 -9.59 5.39
CA GLY C 15 9.82 -9.72 5.77
C GLY C 15 9.23 -11.00 5.23
N ASN C 16 9.75 -11.40 4.07
CA ASN C 16 9.27 -12.61 3.41
C ASN C 16 10.00 -13.87 3.88
N THR C 17 11.08 -13.69 4.64
CA THR C 17 11.83 -14.85 5.09
C THR C 17 11.24 -15.49 6.35
N LYS C 18 11.00 -16.80 6.28
CA LYS C 18 10.43 -17.54 7.40
C LYS C 18 11.31 -18.72 7.80
N PRO C 19 11.34 -19.06 9.10
CA PRO C 19 12.15 -20.17 9.60
C PRO C 19 11.45 -21.47 9.28
N VAL C 20 12.23 -22.47 8.88
CA VAL C 20 11.66 -23.76 8.53
C VAL C 20 12.28 -24.84 9.39
N GLU C 21 11.44 -25.75 9.89
CA GLU C 21 11.93 -26.85 10.72
C GLU C 21 11.30 -28.16 10.27
N LEU C 22 12.13 -29.20 10.16
CA LEU C 22 11.62 -30.51 9.80
C LEU C 22 11.42 -31.26 11.12
N ILE C 23 10.22 -31.80 11.32
CA ILE C 23 9.90 -32.52 12.54
C ILE C 23 9.77 -34.01 12.25
N LEU C 24 10.42 -34.84 13.07
CA LEU C 24 10.37 -36.29 12.90
C LEU C 24 10.21 -36.94 14.26
N ASP C 25 8.98 -37.31 14.59
CA ASP C 25 8.66 -37.91 15.88
C ASP C 25 8.83 -36.86 16.97
N GLY C 26 8.11 -35.75 16.84
CA GLY C 26 8.18 -34.68 17.82
C GLY C 26 9.53 -34.03 18.02
N LYS C 27 10.55 -34.50 17.31
CA LYS C 27 11.89 -33.93 17.43
C LYS C 27 12.31 -33.16 16.17
N THR C 28 12.97 -32.01 16.35
CA THR C 28 13.44 -31.19 15.24
C THR C 28 14.67 -31.86 14.61
N VAL C 29 14.51 -32.36 13.40
CA VAL C 29 15.61 -33.03 12.73
C VAL C 29 16.36 -32.18 11.71
N ALA C 30 15.74 -31.10 11.23
CA ALA C 30 16.41 -30.21 10.27
C ALA C 30 15.94 -28.76 10.38
N ILE C 31 16.88 -27.84 10.14
CA ILE C 31 16.63 -26.40 10.21
C ILE C 31 17.21 -25.71 8.98
N CYS C 32 16.40 -24.83 8.37
CA CYS C 32 16.81 -24.06 7.21
C CYS C 32 15.92 -22.84 7.12
N CYS C 33 15.84 -22.23 5.93
CA CYS C 33 15.00 -21.04 5.72
C CYS C 33 14.04 -21.24 4.57
N ALA C 34 13.18 -20.24 4.36
CA ALA C 34 12.21 -20.23 3.28
C ALA C 34 11.97 -18.78 2.87
N THR C 35 12.10 -18.48 1.59
CA THR C 35 11.91 -17.12 1.09
C THR C 35 10.59 -17.00 0.33
N GLY C 36 9.66 -16.22 0.86
CA GLY C 36 8.40 -16.05 0.17
C GLY C 36 8.54 -15.10 -1.01
N VAL C 37 8.10 -15.53 -2.18
CA VAL C 37 8.17 -14.70 -3.37
C VAL C 37 6.80 -14.14 -3.79
N PHE C 38 5.73 -14.90 -3.54
CA PHE C 38 4.38 -14.43 -3.89
C PHE C 38 3.30 -15.36 -3.33
N GLY C 39 2.07 -14.84 -3.22
CA GLY C 39 0.98 -15.64 -2.70
C GLY C 39 1.37 -16.44 -1.48
N THR C 40 1.32 -17.76 -1.60
CA THR C 40 1.70 -18.63 -0.47
C THR C 40 2.80 -19.56 -0.98
N ALA C 41 3.58 -19.01 -1.91
CA ALA C 41 4.68 -19.70 -2.53
C ALA C 41 5.98 -19.25 -1.91
N TYR C 42 6.84 -20.22 -1.59
CA TYR C 42 8.13 -19.92 -0.99
C TYR C 42 9.25 -20.64 -1.70
N LEU C 43 10.41 -20.00 -1.74
CA LEU C 43 11.60 -20.59 -2.33
C LEU C 43 12.35 -21.31 -1.17
N VAL C 44 12.57 -22.62 -1.32
CA VAL C 44 13.27 -23.39 -0.29
C VAL C 44 14.33 -24.29 -0.90
N PRO C 45 15.23 -24.81 -0.05
CA PRO C 45 16.25 -25.68 -0.66
C PRO C 45 15.54 -26.97 -1.07
N ARG C 46 15.85 -27.49 -2.25
CA ARG C 46 15.22 -28.73 -2.69
C ARG C 46 15.76 -29.91 -1.91
N HIS C 47 17.07 -29.92 -1.64
CA HIS C 47 17.68 -31.03 -0.90
C HIS C 47 17.06 -31.19 0.49
N LEU C 48 16.11 -30.32 0.81
CA LEU C 48 15.40 -30.34 2.08
C LEU C 48 14.46 -31.54 2.14
N PHE C 49 13.77 -31.78 1.02
CA PHE C 49 12.82 -32.86 0.94
C PHE C 49 13.48 -34.23 0.82
N ALA C 50 14.80 -34.24 0.84
CA ALA C 50 15.54 -35.47 0.73
C ALA C 50 15.61 -36.11 2.11
N GLU C 51 15.46 -35.26 3.13
CA GLU C 51 15.51 -35.71 4.51
C GLU C 51 14.23 -36.42 4.92
N LYS C 52 14.35 -37.30 5.92
CA LYS C 52 13.22 -38.05 6.44
C LYS C 52 12.53 -37.18 7.49
N TYR C 53 11.26 -36.91 7.27
CA TYR C 53 10.48 -36.08 8.16
C TYR C 53 9.02 -36.50 8.04
N ASP C 54 8.17 -36.00 8.92
CA ASP C 54 6.76 -36.32 8.82
C ASP C 54 5.93 -35.05 9.00
N LYS C 55 6.62 -33.95 9.32
CA LYS C 55 5.96 -32.66 9.49
C LYS C 55 6.94 -31.53 9.19
N ILE C 56 6.51 -30.57 8.37
CA ILE C 56 7.34 -29.42 8.01
C ILE C 56 6.82 -28.13 8.65
N MET C 57 7.64 -27.56 9.53
CA MET C 57 7.30 -26.33 10.23
C MET C 57 7.69 -25.10 9.43
N LEU C 58 6.69 -24.32 9.03
CA LEU C 58 6.98 -23.11 8.28
C LEU C 58 6.47 -21.91 9.07
N ASP C 59 7.38 -21.19 9.71
CA ASP C 59 7.01 -20.01 10.48
C ASP C 59 6.08 -20.38 11.65
N GLY C 60 6.35 -21.52 12.27
CA GLY C 60 5.57 -21.96 13.41
C GLY C 60 4.29 -22.72 13.10
N ARG C 61 4.03 -22.94 11.81
CA ARG C 61 2.83 -23.68 11.39
C ARG C 61 3.21 -25.07 10.88
N ALA C 62 2.80 -26.11 11.60
CA ALA C 62 3.12 -27.49 11.23
C ALA C 62 2.28 -27.96 10.06
N MET C 63 2.92 -28.53 9.03
CA MET C 63 2.19 -28.98 7.86
C MET C 63 2.64 -30.35 7.35
N THR C 64 1.74 -31.04 6.67
CA THR C 64 2.08 -32.35 6.11
C THR C 64 2.06 -32.21 4.60
N ASP C 65 2.63 -33.19 3.90
CA ASP C 65 2.72 -33.13 2.45
C ASP C 65 1.45 -32.80 1.68
N SER C 66 0.28 -33.14 2.21
CA SER C 66 -0.96 -32.84 1.50
C SER C 66 -1.38 -31.36 1.58
N ASP C 67 -0.60 -30.54 2.29
CA ASP C 67 -0.88 -29.12 2.47
C ASP C 67 -0.19 -28.19 1.48
N TYR C 68 0.66 -28.74 0.62
CA TYR C 68 1.38 -27.91 -0.33
C TYR C 68 1.86 -28.70 -1.52
N ARG C 69 2.40 -27.98 -2.50
CA ARG C 69 2.94 -28.59 -3.72
C ARG C 69 4.37 -28.11 -3.85
N VAL C 70 5.24 -28.93 -4.43
CA VAL C 70 6.61 -28.52 -4.61
C VAL C 70 7.06 -28.60 -6.07
N PHE C 71 7.11 -27.46 -6.74
CA PHE C 71 7.54 -27.43 -8.13
C PHE C 71 9.05 -27.30 -8.16
N GLU C 72 9.68 -28.00 -9.10
CA GLU C 72 11.12 -27.93 -9.22
C GLU C 72 11.49 -27.17 -10.46
N PHE C 73 12.69 -26.58 -10.46
CA PHE C 73 13.15 -25.84 -11.61
C PHE C 73 14.24 -26.68 -12.26
N GLU C 74 14.24 -26.70 -13.59
CA GLU C 74 15.20 -27.47 -14.34
C GLU C 74 16.02 -26.50 -15.17
N ILE C 75 17.33 -26.54 -15.03
CA ILE C 75 18.19 -25.64 -15.77
C ILE C 75 19.12 -26.33 -16.77
N LYS C 76 19.25 -25.69 -17.93
CA LYS C 76 20.07 -26.18 -19.03
C LYS C 76 21.57 -26.04 -18.80
N VAL C 77 22.27 -27.17 -18.60
CA VAL C 77 23.71 -27.15 -18.38
C VAL C 77 24.45 -28.08 -19.34
N LYS C 78 24.99 -27.50 -20.40
CA LYS C 78 25.72 -28.25 -21.42
C LYS C 78 24.80 -29.24 -22.13
N GLY C 79 23.73 -28.71 -22.73
CA GLY C 79 22.78 -29.56 -23.43
C GLY C 79 21.66 -30.11 -22.56
N GLN C 80 21.99 -31.12 -21.77
CA GLN C 80 21.03 -31.77 -20.87
C GLN C 80 20.50 -30.83 -19.77
N ASP C 81 19.27 -31.06 -19.32
CA ASP C 81 18.67 -30.24 -18.27
C ASP C 81 18.87 -30.84 -16.87
N MET C 82 19.17 -30.00 -15.90
CA MET C 82 19.37 -30.46 -14.53
C MET C 82 18.44 -29.80 -13.53
N LEU C 83 18.29 -30.45 -12.37
CA LEU C 83 17.41 -29.96 -11.31
C LEU C 83 18.07 -28.95 -10.37
N SER C 84 17.56 -27.72 -10.39
CA SER C 84 18.07 -26.64 -9.54
C SER C 84 17.82 -26.94 -8.07
N ASP C 85 18.72 -26.52 -7.20
CA ASP C 85 18.49 -26.79 -5.78
C ASP C 85 17.47 -25.82 -5.23
N ALA C 86 16.96 -24.94 -6.09
CA ALA C 86 15.97 -23.99 -5.66
C ALA C 86 14.59 -24.54 -6.01
N ALA C 87 13.86 -24.99 -5.00
CA ALA C 87 12.51 -25.54 -5.16
C ALA C 87 11.44 -24.55 -4.68
N LEU C 88 10.26 -24.58 -5.31
CA LEU C 88 9.17 -23.67 -4.92
C LEU C 88 8.07 -24.42 -4.17
N MET C 89 7.86 -24.01 -2.92
CA MET C 89 6.86 -24.62 -2.06
C MET C 89 5.58 -23.78 -1.99
N VAL C 90 4.56 -24.23 -2.71
CA VAL C 90 3.27 -23.52 -2.76
C VAL C 90 2.24 -24.15 -1.83
N LEU C 91 1.92 -23.44 -0.76
CA LEU C 91 0.93 -23.93 0.20
C LEU C 91 -0.46 -23.80 -0.36
N HIS C 92 -1.34 -24.73 -0.03
CA HIS C 92 -2.71 -24.64 -0.51
C HIS C 92 -3.40 -23.45 0.17
N ARG C 93 -3.41 -23.44 1.50
CA ARG C 93 -4.02 -22.35 2.26
C ARG C 93 -2.87 -21.63 2.96
N GLY C 94 -2.91 -20.31 3.04
CA GLY C 94 -1.84 -19.60 3.72
C GLY C 94 -1.94 -18.08 3.73
N ASN C 95 -1.18 -17.47 4.64
CA ASN C 95 -1.15 -16.01 4.77
C ASN C 95 -0.27 -15.38 3.68
N LYS C 96 -0.90 -14.62 2.77
CA LYS C 96 -0.21 -13.98 1.65
C LYS C 96 1.06 -13.24 2.02
N VAL C 97 2.05 -13.32 1.13
CA VAL C 97 3.34 -12.67 1.34
C VAL C 97 3.47 -11.57 0.30
N ARG C 98 4.44 -10.66 0.50
CA ARG C 98 4.63 -9.58 -0.44
C ARG C 98 5.27 -10.08 -1.72
N ASP C 99 4.57 -9.91 -2.82
CA ASP C 99 5.04 -10.31 -4.15
C ASP C 99 6.33 -9.58 -4.46
N ILE C 100 7.43 -10.31 -4.49
CA ILE C 100 8.73 -9.70 -4.77
C ILE C 100 9.39 -10.24 -6.02
N THR C 101 8.62 -10.96 -6.84
CA THR C 101 9.13 -11.54 -8.08
C THR C 101 9.73 -10.53 -9.06
N LYS C 102 9.24 -9.30 -9.07
CA LYS C 102 9.76 -8.30 -9.99
C LYS C 102 11.20 -7.94 -9.67
N HIS C 103 11.70 -8.42 -8.53
CA HIS C 103 13.07 -8.12 -8.13
C HIS C 103 14.07 -9.21 -8.49
N PHE C 104 13.63 -10.21 -9.24
CA PHE C 104 14.52 -11.25 -9.68
C PHE C 104 14.90 -10.86 -11.10
N ARG C 105 15.84 -11.55 -11.71
CA ARG C 105 16.22 -11.19 -13.07
C ARG C 105 16.40 -12.44 -13.93
N ASP C 106 16.70 -12.21 -15.21
CA ASP C 106 16.87 -13.32 -16.14
C ASP C 106 18.31 -13.65 -16.55
N THR C 107 19.29 -12.97 -15.98
CA THR C 107 20.68 -13.27 -16.33
C THR C 107 21.63 -13.08 -15.14
N ALA C 108 22.77 -13.77 -15.19
CA ALA C 108 23.79 -13.63 -14.14
C ALA C 108 24.35 -12.22 -14.33
N ARG C 109 23.45 -11.23 -14.26
CA ARG C 109 23.75 -9.82 -14.45
C ARG C 109 24.95 -9.34 -13.62
N MET C 110 25.30 -10.11 -12.60
CA MET C 110 26.41 -9.79 -11.69
C MET C 110 27.77 -9.46 -12.31
N LYS C 111 28.60 -8.80 -11.51
CA LYS C 111 29.95 -8.41 -11.92
C LYS C 111 30.87 -8.72 -10.75
N LYS C 112 31.65 -9.78 -10.89
CA LYS C 112 32.59 -10.22 -9.86
C LYS C 112 33.08 -9.12 -8.95
N GLY C 113 33.08 -9.38 -7.65
CA GLY C 113 33.54 -8.39 -6.68
C GLY C 113 32.50 -7.43 -6.15
N THR C 114 31.28 -7.43 -6.69
CA THR C 114 30.28 -6.49 -6.20
C THR C 114 29.56 -6.99 -4.96
N PRO C 115 29.05 -6.06 -4.13
CA PRO C 115 28.33 -6.32 -2.89
C PRO C 115 27.22 -7.36 -2.99
N VAL C 116 27.18 -8.23 -2.00
CA VAL C 116 26.20 -9.31 -1.90
C VAL C 116 25.67 -9.39 -0.47
N VAL C 117 24.34 -9.38 -0.32
CA VAL C 117 23.72 -9.49 1.00
C VAL C 117 22.88 -10.77 1.05
N GLY C 118 23.10 -11.57 2.07
CA GLY C 118 22.34 -12.80 2.23
C GLY C 118 21.34 -12.60 3.36
N VAL C 119 20.12 -13.09 3.20
CA VAL C 119 19.09 -12.93 4.23
C VAL C 119 18.70 -14.25 4.90
N VAL C 120 18.82 -14.31 6.23
CA VAL C 120 18.50 -15.52 6.97
C VAL C 120 17.42 -15.26 8.01
N ASN C 121 16.80 -16.33 8.45
CA ASN C 121 15.76 -16.26 9.46
C ASN C 121 15.35 -17.68 9.78
N ASN C 122 15.94 -18.26 10.82
CA ASN C 122 15.63 -19.63 11.21
C ASN C 122 15.68 -19.88 12.72
N ALA C 123 15.41 -21.12 13.11
CA ALA C 123 15.41 -21.52 14.53
C ALA C 123 16.82 -21.60 15.12
N ASP C 124 17.83 -21.45 14.26
CA ASP C 124 19.22 -21.54 14.69
C ASP C 124 19.86 -20.22 15.12
N VAL C 125 19.63 -19.15 14.35
CA VAL C 125 20.21 -17.84 14.66
C VAL C 125 19.24 -16.66 14.51
N GLY C 126 17.94 -16.94 14.41
CA GLY C 126 16.98 -15.86 14.26
C GLY C 126 17.15 -15.07 12.96
N ARG C 127 17.01 -13.75 13.04
CA ARG C 127 17.17 -12.92 11.85
C ARG C 127 18.58 -12.41 11.76
N LEU C 128 19.17 -12.55 10.58
CA LEU C 128 20.55 -12.16 10.35
C LEU C 128 20.80 -11.83 8.88
N ILE C 129 21.82 -11.03 8.62
CA ILE C 129 22.19 -10.66 7.26
C ILE C 129 23.70 -10.90 7.13
N PHE C 130 24.14 -11.51 6.05
CA PHE C 130 25.58 -11.68 5.86
C PHE C 130 26.00 -10.97 4.58
N SER C 131 27.17 -10.34 4.61
CA SER C 131 27.64 -9.62 3.45
C SER C 131 28.95 -10.22 2.93
N GLY C 132 29.23 -9.94 1.66
CA GLY C 132 30.44 -10.44 1.03
C GLY C 132 30.53 -9.98 -0.40
N GLU C 133 31.45 -10.58 -1.15
CA GLU C 133 31.68 -10.24 -2.55
C GLU C 133 31.19 -11.32 -3.51
N ALA C 134 30.64 -10.86 -4.63
CA ALA C 134 30.17 -11.79 -5.65
C ALA C 134 31.40 -12.43 -6.32
N LEU C 135 31.43 -13.76 -6.42
CA LEU C 135 32.52 -14.42 -7.10
C LEU C 135 32.08 -14.56 -8.57
N THR C 136 31.82 -15.79 -9.02
CA THR C 136 31.37 -16.00 -10.40
C THR C 136 30.20 -16.97 -10.49
N TYR C 137 29.89 -17.35 -11.73
CA TYR C 137 28.81 -18.28 -11.98
C TYR C 137 29.40 -19.70 -12.02
N LYS C 138 28.54 -20.69 -11.78
CA LYS C 138 28.97 -22.08 -11.77
C LYS C 138 27.91 -22.92 -12.44
N ASP C 139 28.22 -23.49 -13.58
CA ASP C 139 27.25 -24.33 -14.24
C ASP C 139 26.91 -25.46 -13.28
N ILE C 140 27.95 -26.15 -12.83
CA ILE C 140 27.80 -27.29 -11.93
C ILE C 140 28.85 -27.32 -10.82
N VAL C 141 28.38 -27.51 -9.59
CA VAL C 141 29.28 -27.58 -8.46
C VAL C 141 29.16 -28.98 -7.86
N VAL C 142 30.26 -29.48 -7.30
CA VAL C 142 30.28 -30.80 -6.68
C VAL C 142 30.51 -30.64 -5.17
N LEU C 143 29.42 -30.86 -4.44
CA LEU C 143 29.42 -30.74 -2.99
C LEU C 143 30.09 -31.93 -2.32
N MET C 144 30.56 -31.70 -1.11
CA MET C 144 31.23 -32.70 -0.29
C MET C 144 30.57 -34.10 -0.36
N ASP C 145 29.29 -34.18 -0.02
CA ASP C 145 28.57 -35.46 -0.01
C ASP C 145 28.54 -36.17 -1.35
N GLY C 146 29.19 -35.61 -2.35
CA GLY C 146 29.21 -36.24 -3.66
C GLY C 146 28.01 -35.94 -4.54
N ASP C 147 27.05 -35.21 -4.01
CA ASP C 147 25.86 -34.84 -4.76
C ASP C 147 26.28 -33.71 -5.71
N THR C 148 25.34 -33.20 -6.51
CA THR C 148 25.66 -32.12 -7.44
C THR C 148 24.49 -31.21 -7.76
N MET C 149 24.73 -29.90 -7.64
CA MET C 149 23.69 -28.91 -7.90
C MET C 149 24.05 -28.08 -9.12
N PRO C 150 23.06 -27.73 -9.94
CA PRO C 150 23.25 -26.93 -11.16
C PRO C 150 23.10 -25.40 -10.95
N GLY C 151 23.51 -24.65 -11.97
CA GLY C 151 23.42 -23.20 -11.97
C GLY C 151 23.42 -22.44 -10.65
N LEU C 152 24.58 -22.40 -10.02
CA LEU C 152 24.75 -21.70 -8.74
C LEU C 152 25.59 -20.45 -8.96
N PHE C 153 25.64 -19.60 -7.96
CA PHE C 153 26.43 -18.39 -8.04
C PHE C 153 27.34 -18.27 -6.80
N ALA C 154 28.65 -18.23 -7.01
CA ALA C 154 29.62 -18.17 -5.90
C ALA C 154 29.86 -16.77 -5.34
N TYR C 155 30.27 -16.71 -4.07
CA TYR C 155 30.55 -15.43 -3.42
C TYR C 155 31.33 -15.59 -2.10
N LYS C 156 32.11 -14.57 -1.76
CA LYS C 156 32.91 -14.57 -0.54
C LYS C 156 32.08 -14.06 0.62
N ALA C 157 31.66 -14.96 1.51
CA ALA C 157 30.84 -14.60 2.67
C ALA C 157 30.90 -15.71 3.73
N ALA C 158 30.69 -15.34 5.00
CA ALA C 158 30.72 -16.30 6.09
C ALA C 158 29.32 -16.90 6.29
N THR C 159 29.14 -18.08 5.73
CA THR C 159 27.87 -18.79 5.80
C THR C 159 28.00 -19.97 6.76
N ARG C 160 26.86 -20.53 7.18
CA ARG C 160 26.79 -21.66 8.10
C ARG C 160 25.63 -22.57 7.70
N ALA C 161 25.54 -23.75 8.30
CA ALA C 161 24.44 -24.66 8.03
C ALA C 161 23.15 -24.11 8.64
N GLY C 162 22.08 -24.15 7.85
CA GLY C 162 20.82 -23.64 8.31
C GLY C 162 20.50 -22.40 7.52
N TYR C 163 21.51 -21.89 6.82
CA TYR C 163 21.37 -20.69 6.00
C TYR C 163 20.68 -20.95 4.64
N ALA C 164 20.64 -22.21 4.24
CA ALA C 164 20.02 -22.62 3.00
C ALA C 164 18.57 -22.12 2.89
N GLY C 165 18.19 -21.61 1.72
CA GLY C 165 16.83 -21.13 1.54
C GLY C 165 16.67 -19.63 1.79
N GLY C 166 17.77 -18.99 2.18
CA GLY C 166 17.73 -17.56 2.42
C GLY C 166 18.07 -16.86 1.14
N ALA C 167 17.41 -15.73 0.87
CA ALA C 167 17.64 -14.98 -0.35
C ALA C 167 18.98 -14.26 -0.35
N VAL C 168 19.54 -14.09 -1.54
CA VAL C 168 20.81 -13.40 -1.73
C VAL C 168 20.63 -12.32 -2.77
N LEU C 169 20.88 -11.07 -2.40
CA LEU C 169 20.73 -9.96 -3.33
C LEU C 169 22.08 -9.40 -3.75
N ALA C 170 22.16 -9.01 -5.02
CA ALA C 170 23.37 -8.46 -5.58
C ALA C 170 23.07 -7.06 -6.05
N LYS C 171 24.11 -6.26 -6.26
CA LYS C 171 23.92 -4.87 -6.69
C LYS C 171 24.18 -4.63 -8.18
N ASP C 172 23.26 -5.08 -9.02
CA ASP C 172 23.35 -4.89 -10.46
C ASP C 172 23.34 -3.39 -10.72
N GLY C 173 24.51 -2.83 -11.02
CA GLY C 173 24.58 -1.40 -11.24
C GLY C 173 24.11 -0.73 -9.96
N ALA C 174 23.08 0.10 -10.07
CA ALA C 174 22.53 0.80 -8.92
C ALA C 174 21.44 -0.04 -8.26
N ASP C 175 20.65 -0.74 -9.09
CA ASP C 175 19.58 -1.58 -8.58
C ASP C 175 20.11 -2.86 -7.90
N THR C 176 19.35 -3.39 -6.97
CA THR C 176 19.70 -4.61 -6.26
C THR C 176 18.70 -5.64 -6.76
N PHE C 177 19.02 -6.92 -6.67
CA PHE C 177 18.09 -7.93 -7.12
C PHE C 177 18.36 -9.26 -6.48
N ILE C 178 17.29 -9.97 -6.15
CA ILE C 178 17.39 -11.28 -5.53
C ILE C 178 17.94 -12.25 -6.55
N VAL C 179 19.14 -12.76 -6.29
CA VAL C 179 19.80 -13.69 -7.17
C VAL C 179 19.16 -15.07 -7.13
N GLY C 180 18.92 -15.58 -5.94
CA GLY C 180 18.33 -16.90 -5.80
C GLY C 180 18.50 -17.32 -4.35
N THR C 181 18.26 -18.59 -4.04
CA THR C 181 18.38 -19.06 -2.66
C THR C 181 19.74 -19.66 -2.32
N HIS C 182 20.13 -19.54 -1.06
CA HIS C 182 21.40 -20.11 -0.59
C HIS C 182 21.25 -21.64 -0.46
N SER C 183 22.14 -22.39 -1.09
CA SER C 183 22.07 -23.85 -1.05
C SER C 183 23.25 -24.53 -0.34
N ALA C 184 24.45 -24.22 -0.80
CA ALA C 184 25.65 -24.80 -0.21
C ALA C 184 26.61 -23.71 0.23
N GLY C 185 27.68 -24.09 0.91
CA GLY C 185 28.66 -23.12 1.36
C GLY C 185 29.90 -23.80 1.92
N GLY C 186 30.99 -23.05 2.07
CA GLY C 186 32.22 -23.59 2.62
C GLY C 186 33.46 -22.72 2.47
N ASN C 187 34.45 -22.99 3.32
CA ASN C 187 35.73 -22.30 3.35
C ASN C 187 35.81 -20.87 2.83
N GLY C 188 34.83 -20.04 3.17
CA GLY C 188 34.87 -18.65 2.73
C GLY C 188 34.08 -18.34 1.46
N VAL C 189 33.34 -19.32 0.96
CA VAL C 189 32.55 -19.09 -0.23
C VAL C 189 31.17 -19.72 -0.12
N GLY C 190 30.14 -18.93 -0.42
CA GLY C 190 28.78 -19.42 -0.35
C GLY C 190 28.21 -19.59 -1.74
N TYR C 191 27.33 -20.57 -1.89
CA TYR C 191 26.71 -20.85 -3.18
C TYR C 191 25.18 -20.80 -3.10
N CYS C 192 24.60 -19.83 -3.79
CA CYS C 192 23.14 -19.71 -3.80
C CYS C 192 22.66 -20.29 -5.14
N SER C 193 21.53 -20.99 -5.11
CA SER C 193 20.97 -21.58 -6.32
C SER C 193 20.20 -20.49 -7.07
N CYS C 194 20.70 -20.11 -8.24
CA CYS C 194 20.08 -19.05 -9.06
C CYS C 194 18.66 -19.32 -9.49
N VAL C 195 17.80 -18.31 -9.37
CA VAL C 195 16.39 -18.41 -9.74
C VAL C 195 16.00 -17.36 -10.78
N SER C 196 15.56 -17.85 -11.93
CA SER C 196 15.13 -17.00 -13.03
C SER C 196 13.82 -16.24 -12.74
N ARG C 197 13.82 -14.94 -13.01
CA ARG C 197 12.60 -14.13 -12.80
C ARG C 197 11.50 -14.70 -13.69
N SER C 198 11.87 -15.01 -14.93
CA SER C 198 10.94 -15.57 -15.90
C SER C 198 10.30 -16.82 -15.31
N MET C 199 11.14 -17.75 -14.84
CA MET C 199 10.69 -19.01 -14.28
C MET C 199 9.70 -18.86 -13.13
N LEU C 200 9.78 -17.75 -12.40
CA LEU C 200 8.85 -17.49 -11.30
C LEU C 200 7.57 -16.88 -11.81
N GLN C 201 7.69 -15.97 -12.79
CA GLN C 201 6.53 -15.32 -13.38
C GLN C 201 5.61 -16.41 -13.90
N LYS C 202 6.16 -17.29 -14.73
CA LYS C 202 5.41 -18.39 -15.31
C LYS C 202 4.82 -19.20 -14.16
N MET C 203 5.69 -19.65 -13.27
CA MET C 203 5.32 -20.42 -12.10
C MET C 203 4.21 -19.73 -11.33
N LYS C 204 4.21 -18.41 -11.38
CA LYS C 204 3.20 -17.64 -10.68
C LYS C 204 1.88 -17.76 -11.42
N ALA C 205 1.92 -17.57 -12.74
CA ALA C 205 0.72 -17.65 -13.58
C ALA C 205 0.16 -19.07 -13.58
N HIS C 206 1.01 -20.02 -13.20
CA HIS C 206 0.62 -21.41 -13.17
C HIS C 206 -0.20 -21.70 -11.91
N VAL C 207 -0.19 -20.76 -10.98
CA VAL C 207 -0.90 -20.88 -9.71
C VAL C 207 -2.02 -19.84 -9.48
N ASP D 8 -14.68 6.59 29.27
CA ASP D 8 -16.15 6.42 29.08
C ASP D 8 -16.45 5.10 28.39
N LEU D 9 -16.02 4.96 27.14
CA LEU D 9 -16.29 3.72 26.41
C LEU D 9 -15.51 2.54 26.99
N GLN D 10 -14.24 2.79 27.33
CA GLN D 10 -13.41 1.74 27.90
C GLN D 10 -14.03 1.23 29.19
N LYS D 11 -14.48 2.13 30.05
CA LYS D 11 -15.10 1.75 31.32
C LYS D 11 -16.44 1.09 31.05
N MET D 12 -17.05 1.47 29.93
CA MET D 12 -18.35 0.96 29.49
C MET D 12 -18.26 -0.47 28.91
N VAL D 13 -17.18 -0.76 28.19
CA VAL D 13 -16.98 -2.08 27.58
C VAL D 13 -16.48 -3.07 28.62
N MET D 14 -15.74 -2.58 29.61
CA MET D 14 -15.23 -3.45 30.66
C MET D 14 -16.39 -3.93 31.51
N GLY D 15 -17.46 -3.15 31.54
CA GLY D 15 -18.64 -3.52 32.30
C GLY D 15 -19.46 -4.57 31.55
N ASN D 16 -19.27 -4.62 30.24
CA ASN D 16 -19.98 -5.58 29.41
C ASN D 16 -19.16 -6.86 29.18
N THR D 17 -17.92 -6.86 29.63
CA THR D 17 -17.05 -8.04 29.45
C THR D 17 -17.14 -9.02 30.61
N LYS D 18 -17.57 -10.25 30.31
CA LYS D 18 -17.71 -11.27 31.34
C LYS D 18 -16.75 -12.46 31.12
N PRO D 19 -16.27 -13.07 32.20
CA PRO D 19 -15.37 -14.21 32.07
C PRO D 19 -16.15 -15.45 31.67
N VAL D 20 -15.55 -16.28 30.81
CA VAL D 20 -16.20 -17.49 30.32
C VAL D 20 -15.34 -18.71 30.62
N GLU D 21 -15.99 -19.78 31.04
CA GLU D 21 -15.26 -21.02 31.32
C GLU D 21 -16.04 -22.19 30.74
N LEU D 22 -15.32 -23.18 30.21
CA LEU D 22 -15.96 -24.37 29.67
C LEU D 22 -15.77 -25.46 30.73
N ILE D 23 -16.86 -26.07 31.16
CA ILE D 23 -16.78 -27.11 32.17
C ILE D 23 -17.04 -28.47 31.56
N LEU D 24 -16.12 -29.39 31.78
CA LEU D 24 -16.26 -30.77 31.29
C LEU D 24 -15.96 -31.74 32.44
N ASP D 25 -17.02 -32.31 33.01
CA ASP D 25 -16.90 -33.23 34.13
C ASP D 25 -16.38 -32.51 35.36
N GLY D 26 -17.00 -31.37 35.68
CA GLY D 26 -16.59 -30.61 36.85
C GLY D 26 -15.22 -29.96 36.76
N LYS D 27 -14.49 -30.20 35.67
CA LYS D 27 -13.16 -29.61 35.50
C LYS D 27 -13.12 -28.52 34.42
N THR D 28 -12.46 -27.39 34.73
CA THR D 28 -12.36 -26.29 33.79
C THR D 28 -11.48 -26.72 32.63
N VAL D 29 -12.06 -26.85 31.44
CA VAL D 29 -11.27 -27.24 30.27
C VAL D 29 -10.91 -26.08 29.34
N ALA D 30 -11.62 -24.96 29.42
CA ALA D 30 -11.28 -23.83 28.55
C ALA D 30 -11.63 -22.48 29.17
N ILE D 31 -10.83 -21.46 28.84
CA ILE D 31 -11.03 -20.10 29.36
C ILE D 31 -10.93 -19.05 28.28
N CYS D 32 -11.91 -18.14 28.24
CA CYS D 32 -11.89 -17.06 27.26
C CYS D 32 -12.73 -15.91 27.78
N CYS D 33 -13.14 -15.01 26.89
CA CYS D 33 -13.95 -13.84 27.27
C CYS D 33 -15.23 -13.73 26.48
N ALA D 34 -16.17 -12.94 27.01
CA ALA D 34 -17.44 -12.67 26.37
C ALA D 34 -17.74 -11.18 26.46
N THR D 35 -17.97 -10.53 25.32
CA THR D 35 -18.28 -9.09 25.33
C THR D 35 -19.77 -8.84 25.05
N GLY D 36 -20.49 -8.33 26.05
CA GLY D 36 -21.91 -8.06 25.88
C GLY D 36 -22.22 -6.84 25.02
N VAL D 37 -23.12 -7.00 24.05
CA VAL D 37 -23.46 -5.89 23.16
C VAL D 37 -24.88 -5.31 23.41
N PHE D 38 -25.82 -6.15 23.80
CA PHE D 38 -27.18 -5.71 24.08
C PHE D 38 -28.02 -6.84 24.67
N GLY D 39 -29.12 -6.48 25.34
CA GLY D 39 -30.00 -7.46 25.95
C GLY D 39 -29.23 -8.52 26.70
N THR D 40 -29.35 -9.78 26.28
CA THR D 40 -28.59 -10.88 26.91
C THR D 40 -27.78 -11.57 25.81
N ALA D 41 -27.29 -10.74 24.89
CA ALA D 41 -26.50 -11.16 23.74
C ALA D 41 -25.04 -10.80 23.90
N TYR D 42 -24.18 -11.79 23.76
CA TYR D 42 -22.75 -11.55 23.88
C TYR D 42 -21.99 -11.98 22.63
N LEU D 43 -20.86 -11.31 22.39
CA LEU D 43 -19.98 -11.64 21.27
C LEU D 43 -18.96 -12.58 21.90
N VAL D 44 -18.82 -13.78 21.34
CA VAL D 44 -17.86 -14.76 21.86
C VAL D 44 -17.05 -15.39 20.75
N PRO D 45 -15.93 -16.02 21.10
CA PRO D 45 -15.13 -16.64 20.04
C PRO D 45 -15.89 -17.83 19.48
N ARG D 46 -16.08 -17.87 18.17
CA ARG D 46 -16.79 -19.01 17.59
C ARG D 46 -16.03 -20.31 17.82
N HIS D 47 -14.72 -20.33 17.60
CA HIS D 47 -13.98 -21.57 17.80
C HIS D 47 -14.13 -22.15 19.21
N LEU D 48 -14.87 -21.44 20.06
CA LEU D 48 -15.12 -21.86 21.43
C LEU D 48 -16.02 -23.08 21.47
N PHE D 49 -17.05 -23.07 20.64
CA PHE D 49 -17.98 -24.18 20.57
C PHE D 49 -17.38 -25.38 19.84
N ALA D 50 -16.14 -25.23 19.41
CA ALA D 50 -15.45 -26.32 18.72
C ALA D 50 -14.86 -27.24 19.78
N GLU D 51 -14.82 -26.77 21.01
CA GLU D 51 -14.28 -27.54 22.13
C GLU D 51 -15.36 -28.47 22.74
N LYS D 52 -14.95 -29.59 23.32
CA LYS D 52 -15.90 -30.51 23.95
C LYS D 52 -16.15 -30.08 25.38
N TYR D 53 -17.40 -29.74 25.68
CA TYR D 53 -17.78 -29.27 27.01
C TYR D 53 -19.20 -29.77 27.28
N ASP D 54 -19.70 -29.55 28.49
CA ASP D 54 -21.07 -29.95 28.81
C ASP D 54 -21.73 -28.87 29.65
N LYS D 55 -20.98 -27.80 29.91
CA LYS D 55 -21.50 -26.66 30.65
C LYS D 55 -20.67 -25.42 30.32
N ILE D 56 -21.35 -24.29 30.10
CA ILE D 56 -20.65 -23.06 29.77
C ILE D 56 -20.85 -22.01 30.87
N MET D 57 -19.74 -21.66 31.51
CA MET D 57 -19.74 -20.67 32.60
C MET D 57 -19.61 -19.26 32.09
N LEU D 58 -20.65 -18.46 32.28
CA LEU D 58 -20.60 -17.07 31.86
C LEU D 58 -20.81 -16.24 33.11
N ASP D 59 -19.79 -15.48 33.44
CA ASP D 59 -19.82 -14.63 34.61
C ASP D 59 -20.24 -15.42 35.85
N GLY D 60 -19.77 -16.65 35.97
CA GLY D 60 -20.08 -17.46 37.13
C GLY D 60 -21.42 -18.16 37.11
N ARG D 61 -22.10 -18.08 35.97
CA ARG D 61 -23.40 -18.73 35.84
C ARG D 61 -23.23 -19.95 34.94
N ALA D 62 -23.60 -21.13 35.43
CA ALA D 62 -23.47 -22.34 34.63
C ALA D 62 -24.67 -22.53 33.70
N MET D 63 -24.39 -22.80 32.43
CA MET D 63 -25.44 -23.00 31.44
C MET D 63 -25.18 -24.16 30.48
N THR D 64 -26.25 -24.69 29.90
CA THR D 64 -26.14 -25.79 28.94
C THR D 64 -26.71 -25.29 27.63
N ASP D 65 -26.41 -25.99 26.54
CA ASP D 65 -26.88 -25.61 25.21
C ASP D 65 -28.35 -25.22 25.05
N SER D 66 -29.21 -25.69 25.95
CA SER D 66 -30.63 -25.36 25.84
C SER D 66 -30.99 -24.00 26.45
N ASP D 67 -29.99 -23.31 26.99
CA ASP D 67 -30.19 -22.00 27.61
C ASP D 67 -29.86 -20.78 26.74
N TYR D 68 -29.37 -21.02 25.53
CA TYR D 68 -29.00 -19.93 24.64
C TYR D 68 -28.97 -20.33 23.18
N ARG D 69 -28.88 -19.33 22.33
CA ARG D 69 -28.79 -19.52 20.87
C ARG D 69 -27.48 -18.88 20.39
N VAL D 70 -26.86 -19.49 19.39
CA VAL D 70 -25.60 -18.95 18.85
C VAL D 70 -25.74 -18.67 17.37
N PHE D 71 -25.80 -17.39 17.01
CA PHE D 71 -25.90 -17.01 15.61
C PHE D 71 -24.50 -16.73 15.08
N GLU D 72 -24.28 -17.07 13.82
CA GLU D 72 -22.98 -16.85 13.24
C GLU D 72 -23.05 -15.76 12.17
N PHE D 73 -21.95 -15.05 11.99
CA PHE D 73 -21.89 -14.00 10.98
C PHE D 73 -21.14 -14.56 9.78
N GLU D 74 -21.64 -14.22 8.60
CA GLU D 74 -21.05 -14.70 7.37
C GLU D 74 -20.55 -13.50 6.60
N ILE D 75 -19.26 -13.49 6.33
CA ILE D 75 -18.65 -12.39 5.62
C ILE D 75 -18.11 -12.78 4.25
N LYS D 76 -18.44 -11.95 3.25
CA LYS D 76 -18.02 -12.14 1.87
C LYS D 76 -16.52 -11.89 1.68
N VAL D 77 -15.80 -12.93 1.27
CA VAL D 77 -14.36 -12.84 1.03
C VAL D 77 -14.00 -13.47 -0.32
N LYS D 78 -13.74 -12.61 -1.31
CA LYS D 78 -13.38 -13.07 -2.65
C LYS D 78 -14.54 -13.85 -3.25
N GLY D 79 -15.73 -13.25 -3.26
CA GLY D 79 -16.90 -13.92 -3.81
C GLY D 79 -17.69 -14.73 -2.80
N GLN D 80 -17.19 -15.92 -2.49
CA GLN D 80 -17.82 -16.85 -1.55
C GLN D 80 -17.84 -16.29 -0.13
N ASP D 81 -18.83 -16.73 0.67
CA ASP D 81 -18.96 -16.27 2.06
C ASP D 81 -18.31 -17.24 3.05
N MET D 82 -17.75 -16.68 4.12
CA MET D 82 -17.12 -17.49 5.16
C MET D 82 -17.68 -17.17 6.54
N LEU D 83 -17.33 -17.99 7.50
CA LEU D 83 -17.81 -17.80 8.86
C LEU D 83 -16.81 -17.05 9.72
N SER D 84 -17.27 -15.92 10.26
CA SER D 84 -16.47 -15.04 11.12
C SER D 84 -16.23 -15.70 12.45
N ASP D 85 -15.09 -15.44 13.07
CA ASP D 85 -14.82 -16.05 14.36
C ASP D 85 -15.54 -15.27 15.46
N ALA D 86 -16.35 -14.31 15.05
CA ALA D 86 -17.12 -13.55 15.99
C ALA D 86 -18.54 -14.12 15.97
N ALA D 87 -18.88 -14.85 17.01
CA ALA D 87 -20.22 -15.42 17.12
C ALA D 87 -21.00 -14.64 18.17
N LEU D 88 -22.33 -14.64 18.04
CA LEU D 88 -23.19 -13.96 18.98
C LEU D 88 -23.97 -14.94 19.84
N MET D 89 -23.75 -14.89 21.15
CA MET D 89 -24.42 -15.79 22.09
C MET D 89 -25.60 -15.12 22.79
N VAL D 90 -26.81 -15.52 22.44
CA VAL D 90 -27.99 -14.90 23.03
C VAL D 90 -28.64 -15.83 24.04
N LEU D 91 -28.61 -15.41 25.30
CA LEU D 91 -29.19 -16.18 26.39
C LEU D 91 -30.71 -16.02 26.40
N HIS D 92 -31.44 -17.10 26.70
CA HIS D 92 -32.89 -17.00 26.75
C HIS D 92 -33.30 -16.11 27.91
N ARG D 93 -32.74 -16.39 29.08
CA ARG D 93 -33.02 -15.61 30.28
C ARG D 93 -31.73 -15.07 30.86
N GLY D 94 -31.75 -13.83 31.34
CA GLY D 94 -30.55 -13.25 31.92
C GLY D 94 -30.70 -11.80 32.34
N ASN D 95 -29.64 -11.24 32.94
CA ASN D 95 -29.62 -9.84 33.37
C ASN D 95 -29.08 -8.99 32.22
N LYS D 96 -29.91 -8.08 31.71
CA LYS D 96 -29.52 -7.22 30.59
C LYS D 96 -28.18 -6.52 30.78
N VAL D 97 -27.54 -6.20 29.66
CA VAL D 97 -26.25 -5.50 29.66
C VAL D 97 -26.45 -4.12 29.03
N ARG D 98 -25.44 -3.24 29.10
CA ARG D 98 -25.59 -1.92 28.50
C ARG D 98 -25.40 -1.95 26.96
N ASP D 99 -26.49 -1.68 26.25
CA ASP D 99 -26.51 -1.65 24.79
C ASP D 99 -25.40 -0.78 24.28
N ILE D 100 -24.35 -1.40 23.71
CA ILE D 100 -23.23 -0.63 23.19
C ILE D 100 -23.06 -0.78 21.69
N THR D 101 -24.09 -1.27 21.00
CA THR D 101 -24.04 -1.46 19.55
C THR D 101 -23.79 -0.18 18.76
N LYS D 102 -24.30 0.93 19.25
CA LYS D 102 -24.10 2.18 18.55
C LYS D 102 -22.61 2.55 18.50
N HIS D 103 -21.77 1.76 19.18
CA HIS D 103 -20.34 2.05 19.20
C HIS D 103 -19.53 1.20 18.24
N PHE D 104 -20.22 0.46 17.38
CA PHE D 104 -19.53 -0.33 16.37
C PHE D 104 -19.65 0.46 15.07
N ARG D 105 -19.03 -0.04 13.99
CA ARG D 105 -19.10 0.67 12.72
C ARG D 105 -19.28 -0.25 11.53
N ASP D 106 -19.55 0.34 10.37
CA ASP D 106 -19.74 -0.41 9.13
C ASP D 106 -18.60 -0.10 8.19
N THR D 107 -18.25 1.18 8.18
CA THR D 107 -17.19 1.71 7.36
C THR D 107 -16.45 2.70 8.24
N ALA D 108 -15.40 3.30 7.71
CA ALA D 108 -14.58 4.24 8.48
C ALA D 108 -13.84 3.35 9.47
N ARG D 109 -12.60 2.96 9.13
CA ARG D 109 -11.86 2.08 10.00
C ARG D 109 -10.34 2.19 10.05
N MET D 110 -9.69 1.97 8.92
CA MET D 110 -8.22 1.95 8.85
C MET D 110 -7.34 3.16 9.16
N LYS D 111 -6.14 2.84 9.64
CA LYS D 111 -5.07 3.79 9.98
C LYS D 111 -3.92 3.08 10.70
N LYS D 112 -2.91 2.68 9.92
CA LYS D 112 -1.75 1.95 10.44
C LYS D 112 -0.92 2.65 11.49
N GLY D 113 -1.15 2.28 12.75
CA GLY D 113 -0.38 2.88 13.83
C GLY D 113 -1.20 3.49 14.95
N THR D 114 -2.45 3.85 14.66
CA THR D 114 -3.31 4.45 15.68
C THR D 114 -3.43 3.48 16.85
N PRO D 115 -3.34 4.01 18.07
CA PRO D 115 -3.44 3.20 19.28
C PRO D 115 -4.72 2.36 19.33
N VAL D 116 -4.59 1.18 19.95
CA VAL D 116 -5.69 0.25 20.12
C VAL D 116 -5.72 -0.20 21.57
N VAL D 117 -6.91 -0.49 22.07
CA VAL D 117 -7.07 -0.95 23.45
C VAL D 117 -7.85 -2.25 23.45
N GLY D 118 -7.43 -3.17 24.32
CA GLY D 118 -8.09 -4.45 24.44
C GLY D 118 -8.67 -4.67 25.83
N VAL D 119 -9.95 -4.99 25.89
CA VAL D 119 -10.65 -5.22 27.16
C VAL D 119 -10.86 -6.70 27.44
N VAL D 120 -10.15 -7.21 28.43
CA VAL D 120 -10.25 -8.60 28.78
C VAL D 120 -10.80 -8.74 30.18
N ASN D 121 -11.35 -9.90 30.43
CA ASN D 121 -11.88 -10.27 31.73
C ASN D 121 -12.08 -11.77 31.65
N ASN D 122 -11.05 -12.53 32.01
CA ASN D 122 -11.15 -13.96 31.98
C ASN D 122 -10.61 -14.49 33.31
N ALA D 123 -10.92 -15.74 33.60
CA ALA D 123 -10.49 -16.34 34.86
C ALA D 123 -9.01 -16.58 35.02
N ASP D 124 -8.23 -16.28 33.98
CA ASP D 124 -6.78 -16.49 34.04
C ASP D 124 -6.00 -15.26 34.48
N VAL D 125 -6.24 -14.13 33.82
CA VAL D 125 -5.55 -12.90 34.14
C VAL D 125 -6.45 -11.87 34.83
N GLY D 126 -7.74 -12.17 34.90
CA GLY D 126 -8.68 -11.27 35.52
C GLY D 126 -8.91 -10.07 34.62
N ARG D 127 -9.14 -8.91 35.23
CA ARG D 127 -9.33 -7.67 34.49
C ARG D 127 -8.00 -7.37 33.84
N LEU D 128 -7.99 -6.65 32.72
CA LEU D 128 -6.75 -6.34 32.04
C LEU D 128 -6.97 -5.58 30.75
N ILE D 129 -6.30 -4.46 30.61
CA ILE D 129 -6.40 -3.63 29.41
C ILE D 129 -5.03 -3.60 28.70
N PHE D 130 -4.95 -4.23 27.53
CA PHE D 130 -3.69 -4.22 26.80
C PHE D 130 -3.71 -3.12 25.75
N SER D 131 -2.55 -2.77 25.23
CA SER D 131 -2.49 -1.72 24.23
C SER D 131 -1.57 -2.07 23.09
N GLY D 132 -2.08 -1.93 21.88
CA GLY D 132 -1.27 -2.22 20.71
C GLY D 132 -1.35 -1.07 19.74
N GLU D 133 -0.86 -1.31 18.53
CA GLU D 133 -0.87 -0.34 17.43
C GLU D 133 -1.62 -1.00 16.27
N ALA D 134 -2.37 -0.21 15.50
CA ALA D 134 -3.08 -0.78 14.36
C ALA D 134 -2.06 -1.19 13.31
N LEU D 135 -2.38 -2.25 12.58
CA LEU D 135 -1.51 -2.74 11.51
C LEU D 135 -2.29 -2.66 10.21
N THR D 136 -3.05 -3.70 9.89
CA THR D 136 -3.86 -3.72 8.66
C THR D 136 -4.98 -4.75 8.76
N TYR D 137 -6.06 -4.52 8.04
CA TYR D 137 -7.18 -5.45 8.01
C TYR D 137 -6.75 -6.66 7.16
N LYS D 138 -7.43 -7.79 7.33
CA LYS D 138 -7.11 -9.00 6.58
C LYS D 138 -8.40 -9.60 6.01
N ASP D 139 -8.32 -10.15 4.81
CA ASP D 139 -9.47 -10.79 4.19
C ASP D 139 -9.55 -12.21 4.77
N ILE D 140 -8.39 -12.85 4.90
CA ILE D 140 -8.34 -14.18 5.46
C ILE D 140 -7.01 -14.35 6.16
N VAL D 141 -7.07 -14.96 7.33
CA VAL D 141 -5.86 -15.21 8.10
C VAL D 141 -5.85 -16.71 8.38
N VAL D 142 -4.79 -17.36 7.93
CA VAL D 142 -4.62 -18.79 8.15
C VAL D 142 -3.92 -18.97 9.47
N LEU D 143 -4.60 -19.63 10.39
CA LEU D 143 -4.05 -19.86 11.71
C LEU D 143 -2.99 -20.95 11.71
N MET D 144 -2.37 -21.13 12.87
CA MET D 144 -1.31 -22.10 13.10
C MET D 144 -1.80 -23.54 13.01
N ASP D 145 -3.10 -23.74 13.22
CA ASP D 145 -3.64 -25.08 13.13
C ASP D 145 -4.23 -25.25 11.74
N GLY D 146 -3.77 -24.41 10.81
CA GLY D 146 -4.26 -24.47 9.45
C GLY D 146 -5.69 -24.04 9.26
N ASP D 147 -6.32 -23.50 10.31
CA ASP D 147 -7.70 -23.06 10.20
C ASP D 147 -7.82 -21.71 9.43
N THR D 148 -9.04 -21.33 9.09
CA THR D 148 -9.28 -20.08 8.36
C THR D 148 -10.29 -19.16 9.07
N MET D 149 -9.93 -17.88 9.23
CA MET D 149 -10.80 -16.88 9.87
C MET D 149 -10.90 -15.64 8.99
N PRO D 150 -12.10 -15.33 8.50
CA PRO D 150 -12.33 -14.17 7.63
C PRO D 150 -12.56 -12.85 8.39
N GLY D 151 -12.35 -11.74 7.69
CA GLY D 151 -12.55 -10.40 8.24
C GLY D 151 -11.88 -10.06 9.55
N LEU D 152 -10.56 -9.97 9.55
CA LEU D 152 -9.84 -9.67 10.77
C LEU D 152 -9.06 -8.37 10.67
N PHE D 153 -8.61 -7.88 11.84
CA PHE D 153 -7.81 -6.65 11.95
C PHE D 153 -6.61 -6.92 12.86
N ALA D 154 -5.42 -6.88 12.28
CA ALA D 154 -4.19 -7.14 13.04
C ALA D 154 -3.67 -5.94 13.82
N TYR D 155 -2.95 -6.23 14.89
CA TYR D 155 -2.40 -5.18 15.72
C TYR D 155 -1.20 -5.62 16.51
N LYS D 156 -0.11 -4.87 16.38
CA LYS D 156 1.08 -5.18 17.14
C LYS D 156 0.57 -5.07 18.57
N ALA D 157 0.65 -6.16 19.31
CA ALA D 157 0.17 -6.17 20.67
C ALA D 157 0.48 -7.51 21.30
N ALA D 158 0.82 -7.51 22.58
CA ALA D 158 1.12 -8.75 23.28
C ALA D 158 -0.16 -9.36 23.85
N THR D 159 -0.65 -10.41 23.21
CA THR D 159 -1.88 -11.06 23.66
C THR D 159 -1.62 -12.50 24.07
N ARG D 160 -2.46 -13.05 24.94
CA ARG D 160 -2.28 -14.42 25.40
C ARG D 160 -3.51 -15.29 25.18
N ALA D 161 -3.33 -16.60 25.25
CA ALA D 161 -4.45 -17.52 25.09
C ALA D 161 -5.43 -17.22 26.20
N GLY D 162 -6.70 -17.05 25.86
CA GLY D 162 -7.71 -16.75 26.86
C GLY D 162 -8.27 -15.35 26.67
N TYR D 163 -7.67 -14.59 25.76
CA TYR D 163 -8.11 -13.23 25.47
C TYR D 163 -9.26 -13.22 24.48
N ALA D 164 -9.48 -14.36 23.84
CA ALA D 164 -10.57 -14.48 22.87
C ALA D 164 -11.87 -13.91 23.44
N GLY D 165 -12.56 -13.09 22.66
CA GLY D 165 -13.81 -12.53 23.12
C GLY D 165 -13.68 -11.13 23.67
N GLY D 166 -12.50 -10.79 24.14
CA GLY D 166 -12.28 -9.46 24.67
C GLY D 166 -12.54 -8.46 23.56
N ALA D 167 -13.13 -7.32 23.91
CA ALA D 167 -13.40 -6.31 22.92
C ALA D 167 -12.12 -5.52 22.57
N VAL D 168 -11.98 -5.11 21.31
CA VAL D 168 -10.84 -4.31 20.88
C VAL D 168 -11.35 -2.93 20.43
N LEU D 169 -10.65 -1.87 20.85
CA LEU D 169 -11.04 -0.49 20.50
C LEU D 169 -9.90 0.29 19.86
N ALA D 170 -10.28 1.28 19.04
CA ALA D 170 -9.34 2.17 18.36
C ALA D 170 -10.03 3.53 18.32
N LYS D 171 -9.52 4.46 17.54
CA LYS D 171 -10.16 5.77 17.47
C LYS D 171 -10.66 6.10 16.08
N ASP D 172 -11.87 6.62 15.99
CA ASP D 172 -12.44 7.05 14.71
C ASP D 172 -12.58 8.56 14.81
N GLY D 173 -11.62 9.28 14.25
CA GLY D 173 -11.62 10.73 14.34
C GLY D 173 -11.37 11.02 15.81
N ALA D 174 -12.33 11.68 16.44
CA ALA D 174 -12.24 11.97 17.86
C ALA D 174 -12.83 10.75 18.56
N ASP D 175 -14.11 10.48 18.25
CA ASP D 175 -14.87 9.36 18.80
C ASP D 175 -14.17 7.98 18.76
N THR D 176 -14.26 7.26 19.86
CA THR D 176 -13.69 5.93 19.99
C THR D 176 -14.76 4.89 19.62
N PHE D 177 -14.33 3.72 19.16
CA PHE D 177 -15.29 2.70 18.78
C PHE D 177 -14.74 1.29 18.95
N ILE D 178 -15.61 0.32 18.71
CA ILE D 178 -15.27 -1.10 18.83
C ILE D 178 -15.09 -1.74 17.44
N VAL D 179 -13.89 -2.26 17.22
CA VAL D 179 -13.50 -2.90 15.98
C VAL D 179 -14.13 -4.28 15.87
N GLY D 180 -13.97 -5.05 16.93
CA GLY D 180 -14.50 -6.39 16.98
C GLY D 180 -13.91 -7.04 18.22
N THR D 181 -13.98 -8.37 18.29
CA THR D 181 -13.51 -9.14 19.42
C THR D 181 -12.28 -10.00 19.11
N HIS D 182 -11.33 -10.05 20.04
CA HIS D 182 -10.11 -10.82 19.83
C HIS D 182 -10.39 -12.29 19.46
N SER D 183 -9.55 -12.85 18.59
CA SER D 183 -9.70 -14.24 18.12
C SER D 183 -8.40 -15.06 18.18
N ALA D 184 -7.36 -14.57 17.49
CA ALA D 184 -6.09 -15.25 17.45
C ALA D 184 -4.92 -14.31 17.70
N GLY D 185 -3.74 -14.88 17.93
CA GLY D 185 -2.56 -14.07 18.17
C GLY D 185 -1.27 -14.87 18.09
N GLY D 186 -0.13 -14.19 18.25
CA GLY D 186 1.14 -14.89 18.20
C GLY D 186 2.24 -14.09 17.51
N ASN D 187 3.45 -14.18 18.04
CA ASN D 187 4.61 -13.51 17.47
C ASN D 187 4.64 -12.00 17.78
N GLY D 188 3.77 -11.56 18.69
CA GLY D 188 3.73 -10.15 19.03
C GLY D 188 2.63 -9.40 18.31
N VAL D 189 1.84 -10.12 17.52
CA VAL D 189 0.75 -9.50 16.80
C VAL D 189 -0.53 -10.23 17.17
N GLY D 190 -1.63 -9.47 17.23
CA GLY D 190 -2.92 -10.05 17.57
C GLY D 190 -3.96 -9.79 16.49
N TYR D 191 -4.99 -10.64 16.45
CA TYR D 191 -6.06 -10.53 15.45
C TYR D 191 -7.43 -10.58 16.09
N CYS D 192 -8.28 -9.62 15.76
CA CYS D 192 -9.62 -9.56 16.30
C CYS D 192 -10.63 -9.74 15.18
N SER D 193 -11.69 -10.48 15.47
CA SER D 193 -12.73 -10.73 14.50
C SER D 193 -13.56 -9.45 14.35
N CYS D 194 -13.50 -8.85 13.16
CA CYS D 194 -14.24 -7.62 12.90
C CYS D 194 -15.73 -7.85 12.80
N VAL D 195 -16.49 -6.95 13.40
CA VAL D 195 -17.94 -6.99 13.43
C VAL D 195 -18.47 -5.60 13.08
N SER D 196 -19.38 -5.56 12.11
CA SER D 196 -19.98 -4.29 11.66
C SER D 196 -21.06 -3.80 12.62
N ARG D 197 -21.45 -2.53 12.45
CA ARG D 197 -22.47 -1.92 13.28
C ARG D 197 -23.83 -2.46 12.87
N SER D 198 -24.06 -2.59 11.56
CA SER D 198 -25.32 -3.13 11.07
C SER D 198 -25.37 -4.60 11.46
N MET D 199 -24.23 -5.26 11.38
CA MET D 199 -24.12 -6.67 11.71
C MET D 199 -24.75 -6.94 13.07
N LEU D 200 -24.77 -5.92 13.92
CA LEU D 200 -25.37 -6.06 15.24
C LEU D 200 -26.80 -5.49 15.27
N GLN D 201 -27.08 -4.45 14.48
CA GLN D 201 -28.41 -3.84 14.43
C GLN D 201 -29.38 -4.83 13.80
N LYS D 202 -28.84 -5.65 12.88
CA LYS D 202 -29.61 -6.66 12.13
C LYS D 202 -29.93 -7.88 12.97
N MET D 203 -28.99 -8.30 13.80
CA MET D 203 -29.20 -9.46 14.65
C MET D 203 -30.03 -9.02 15.84
N LYS D 204 -29.92 -7.74 16.15
CA LYS D 204 -30.64 -7.15 17.27
C LYS D 204 -32.15 -7.20 17.04
N ALA D 205 -32.57 -6.85 15.82
CA ALA D 205 -33.99 -6.85 15.47
C ALA D 205 -34.51 -8.28 15.42
N HIS D 206 -33.70 -9.17 14.85
CA HIS D 206 -34.06 -10.59 14.73
C HIS D 206 -34.44 -11.16 16.10
N VAL D 207 -33.90 -10.57 17.17
CA VAL D 207 -34.18 -11.04 18.52
C VAL D 207 -34.67 -9.89 19.41
C ACE E 1 23.83 20.75 -0.06
O ACE E 1 23.21 21.59 -0.73
CH3 ACE E 1 25.10 21.14 0.67
N ALA E 2 23.45 19.49 0.05
CA ALA E 2 22.22 19.00 -0.60
C ALA E 2 21.04 19.47 0.26
N PRO E 3 20.25 20.41 -0.27
CA PRO E 3 19.09 20.96 0.45
C PRO E 3 18.07 19.90 0.85
N ALA E 4 17.49 20.08 2.02
CA ALA E 4 16.48 19.17 2.51
C ALA E 4 15.15 19.91 2.48
N LYS E 5 14.06 19.18 2.28
CA LYS E 5 12.73 19.75 2.26
C LYS E 5 12.60 20.44 3.62
N GLU E 6 12.17 21.69 3.64
CA GLU E 6 12.07 22.37 4.91
C GLU E 6 10.72 22.38 5.60
N LEU E 7 10.05 21.25 5.52
CA LEU E 7 8.78 21.06 6.20
C LEU E 7 9.29 20.60 7.58
N LEU E 8 8.51 20.79 8.65
CA LEU E 8 8.98 20.36 9.96
C LEU E 8 8.39 19.02 10.42
N ASN E 9 9.20 17.97 10.28
CA ASN E 9 8.80 16.61 10.66
C ASN E 9 9.19 16.19 12.07
N PHE E 10 8.32 15.39 12.68
CA PHE E 10 8.54 14.88 14.01
C PHE E 10 8.54 13.35 13.93
C ACE F 1 0.41 12.66 -34.97
O ACE F 1 0.78 11.72 -34.28
CH3 ACE F 1 0.18 12.49 -36.45
N ALA F 2 0.23 13.87 -34.49
CA ALA F 2 0.40 14.12 -33.06
C ALA F 2 -0.86 13.61 -32.37
N PRO F 3 -0.73 12.60 -31.50
CA PRO F 3 -1.90 12.06 -30.79
C PRO F 3 -2.55 13.08 -29.86
N ALA F 4 -3.87 13.03 -29.75
CA ALA F 4 -4.58 13.96 -28.89
C ALA F 4 -5.19 13.18 -27.73
N LYS F 5 -5.26 13.80 -26.56
CA LYS F 5 -5.86 13.15 -25.42
C LYS F 5 -7.25 12.69 -25.89
N GLU F 6 -7.62 11.43 -25.63
CA GLU F 6 -8.90 10.97 -26.13
C GLU F 6 -10.08 10.92 -25.18
N LEU F 7 -10.16 11.95 -24.35
CA LEU F 7 -11.28 12.12 -23.44
C LEU F 7 -12.26 12.84 -24.37
N LEU F 8 -13.55 12.83 -24.08
CA LEU F 8 -14.47 13.53 -24.97
C LEU F 8 -14.86 14.87 -24.35
N ASN F 9 -14.40 15.96 -24.97
CA ASN F 9 -14.71 17.30 -24.48
C ASN F 9 -15.83 17.97 -25.29
N PHE F 10 -16.56 18.86 -24.62
CA PHE F 10 -17.63 19.60 -25.27
C PHE F 10 -17.38 21.10 -25.12
C ACE G 1 35.95 -27.35 -1.10
O ACE G 1 35.35 -26.45 -1.72
CH3 ACE G 1 37.29 -27.06 -0.45
N ALA G 2 35.48 -28.58 -0.98
CA ALA G 2 34.20 -28.96 -1.57
C ALA G 2 33.06 -28.48 -0.68
N PRO G 3 32.23 -27.55 -1.22
CA PRO G 3 31.10 -27.01 -0.46
C PRO G 3 30.11 -28.10 -0.03
N ALA G 4 29.53 -27.96 1.14
CA ALA G 4 28.55 -28.94 1.61
C ALA G 4 27.20 -28.27 1.56
N LYS G 5 26.13 -29.06 1.54
CA LYS G 5 24.79 -28.50 1.52
C LYS G 5 24.62 -27.77 2.86
N GLU G 6 24.25 -26.50 2.84
CA GLU G 6 24.12 -25.79 4.09
C GLU G 6 22.76 -25.78 4.76
N LEU G 7 22.11 -26.94 4.74
CA LEU G 7 20.86 -27.12 5.42
C LEU G 7 21.39 -27.53 6.80
N LEU G 8 20.61 -27.38 7.85
CA LEU G 8 21.10 -27.79 9.17
C LEU G 8 20.54 -29.17 9.58
N ASN G 9 21.39 -30.20 9.50
CA ASN G 9 21.01 -31.57 9.83
C ASN G 9 21.37 -32.01 11.24
N PHE G 10 20.49 -32.78 11.87
CA PHE G 10 20.76 -33.30 13.20
C PHE G 10 20.81 -34.82 13.13
C ACE H 1 3.15 -16.40 12.71
O ACE H 1 2.35 -15.50 12.51
CH3 ACE H 1 4.59 -16.10 13.03
N ALA H 2 2.81 -17.68 12.63
CA ALA H 2 1.44 -18.07 12.32
C ALA H 2 0.62 -17.94 13.60
N PRO H 3 -0.36 -17.02 13.62
CA PRO H 3 -1.23 -16.79 14.78
C PRO H 3 -2.00 -18.04 15.20
N ALA H 4 -2.14 -18.24 16.50
CA ALA H 4 -2.88 -19.38 17.02
C ALA H 4 -4.17 -18.83 17.61
N LYS H 5 -5.25 -19.59 17.52
CA LYS H 5 -6.51 -19.15 18.12
C LYS H 5 -6.15 -18.80 19.56
N GLU H 6 -6.62 -17.67 20.08
CA GLU H 6 -6.24 -17.35 21.45
C GLU H 6 -7.28 -17.56 22.54
N LEU H 7 -7.91 -18.72 22.49
CA LEU H 7 -8.85 -19.16 23.50
C LEU H 7 -7.88 -19.92 24.42
N LEU H 8 -8.19 -20.11 25.68
CA LEU H 8 -7.24 -20.84 26.55
C LEU H 8 -7.64 -22.30 26.73
N ASN H 9 -6.88 -23.20 26.11
CA ASN H 9 -7.16 -24.63 26.21
C ASN H 9 -6.35 -25.41 27.23
N PHE H 10 -6.98 -26.41 27.85
CA PHE H 10 -6.31 -27.26 28.83
C PHE H 10 -6.28 -28.71 28.34
#